data_8DRH
# 
_entry.id   8DRH 
# 
_audit_conform.dict_name       mmcif_pdbx.dic 
_audit_conform.dict_version    5.392 
_audit_conform.dict_location   http://mmcif.pdb.org/dictionaries/ascii/mmcif_pdbx.dic 
# 
loop_
_database_2.database_id 
_database_2.database_code 
_database_2.pdbx_database_accession 
_database_2.pdbx_DOI 
PDB   8DRH         pdb_00008drh 10.2210/pdb8drh/pdb 
WWPDB D_1000179970 ?            ?                   
# 
loop_
_pdbx_audit_revision_history.ordinal 
_pdbx_audit_revision_history.data_content_type 
_pdbx_audit_revision_history.major_revision 
_pdbx_audit_revision_history.minor_revision 
_pdbx_audit_revision_history.revision_date 
1 'Structure model' 1 0 1998-05-27 
2 'Structure model' 1 1 2008-03-25 
3 'Structure model' 1 2 2011-07-13 
4 'Structure model' 1 3 2022-03-16 
5 'Structure model' 1 4 2024-05-22 
# 
_pdbx_audit_revision_details.ordinal             1 
_pdbx_audit_revision_details.revision_ordinal    1 
_pdbx_audit_revision_details.data_content_type   'Structure model' 
_pdbx_audit_revision_details.provider            repository 
_pdbx_audit_revision_details.type                'Initial release' 
_pdbx_audit_revision_details.description         ? 
_pdbx_audit_revision_details.details             ? 
# 
loop_
_pdbx_audit_revision_group.ordinal 
_pdbx_audit_revision_group.revision_ordinal 
_pdbx_audit_revision_group.data_content_type 
_pdbx_audit_revision_group.group 
1 2 'Structure model' 'Version format compliance' 
2 3 'Structure model' 'Version format compliance' 
3 4 'Structure model' 'Data collection'           
4 4 'Structure model' 'Database references'       
5 4 'Structure model' 'Derived calculations'      
6 4 'Structure model' Other                       
7 5 'Structure model' 'Data collection'           
# 
loop_
_pdbx_audit_revision_category.ordinal 
_pdbx_audit_revision_category.revision_ordinal 
_pdbx_audit_revision_category.data_content_type 
_pdbx_audit_revision_category.category 
1 4 'Structure model' database_2            
2 4 'Structure model' pdbx_database_status  
3 4 'Structure model' pdbx_nmr_software     
4 4 'Structure model' pdbx_struct_assembly  
5 4 'Structure model' pdbx_struct_oper_list 
6 5 'Structure model' chem_comp_atom        
7 5 'Structure model' chem_comp_bond        
# 
loop_
_pdbx_audit_revision_item.ordinal 
_pdbx_audit_revision_item.revision_ordinal 
_pdbx_audit_revision_item.data_content_type 
_pdbx_audit_revision_item.item 
1 4 'Structure model' '_database_2.pdbx_DOI'                
2 4 'Structure model' '_database_2.pdbx_database_accession' 
3 4 'Structure model' '_pdbx_database_status.process_site'  
4 4 'Structure model' '_pdbx_nmr_software.name'             
# 
_pdbx_database_status.status_code                     REL 
_pdbx_database_status.entry_id                        8DRH 
_pdbx_database_status.recvd_initial_deposition_date   1997-10-13 
_pdbx_database_status.deposit_site                    ? 
_pdbx_database_status.process_site                    BNL 
_pdbx_database_status.status_code_sf                  ? 
_pdbx_database_status.status_code_mr                  REL 
_pdbx_database_status.SG_entry                        ? 
_pdbx_database_status.pdb_format_compatible           Y 
_pdbx_database_status.status_code_cs                  ? 
_pdbx_database_status.status_code_nmr_data            ? 
_pdbx_database_status.methods_development_category    ? 
# 
_pdbx_database_related.db_name        PDB 
_pdbx_database_related.db_id          8PSH 
_pdbx_database_related.details        'MINIMIZED AVERAGE STRUCTURE' 
_pdbx_database_related.content_type   unspecified 
# 
loop_
_audit_author.name 
_audit_author.pdbx_ordinal 
'Bachelin, M.' 1 
'Hessler, G.'  2 
'Kurz, G.'     3 
'Hacia, J.G.'  4 
'Dervan, P.B.' 5 
'Kessler, H.'  6 
# 
loop_
_citation.id 
_citation.title 
_citation.journal_abbrev 
_citation.journal_volume 
_citation.page_first 
_citation.page_last 
_citation.year 
_citation.journal_id_ASTM 
_citation.country 
_citation.journal_id_ISSN 
_citation.journal_id_CSD 
_citation.book_publisher 
_citation.pdbx_database_id_PubMed 
_citation.pdbx_database_id_DOI 
primary 'Structure of a Stereoregular Phosphorothioate DNA/RNA Duplex' Nat.Struct.Biol. 5 271 276 1998 NSBIEW US 1072-8368 2024 ? 
9546216 10.1038/nsb0498-271 
1       ?                                                              Thesis           ? ?   ?   1997 ?      GW ?         2170 
'Munchen : Technische Universitat Munchen (Thesis)' ?       ?                   
2       ?                                                              Thesis           ? ?   ?   1995 ?      GW ?         2171 
'Munchen : Technische Universitat Munchen (Thesis)' ?       ?                   
# 
loop_
_citation_author.citation_id 
_citation_author.name 
_citation_author.ordinal 
_citation_author.identifier_ORCID 
primary 'Bachelin, M.' 1 ? 
primary 'Hessler, G.'  2 ? 
primary 'Kurz, G.'     3 ? 
primary 'Hacia, J.G.'  4 ? 
primary 'Dervan, P.B.' 5 ? 
primary 'Kessler, H.'  6 ? 
1       'Bachelin, M.' 7 ? 
2       'Kurz, G.'     8 ? 
# 
loop_
_entity.id 
_entity.type 
_entity.src_method 
_entity.pdbx_description 
_entity.formula_weight 
_entity.pdbx_number_of_molecules 
_entity.pdbx_ec 
_entity.pdbx_mutation 
_entity.pdbx_fragment 
_entity.details 
1 polymer syn 
;DNA (5'-D(*GP*CP*GP*TP*CP*AP*GP*G)-3')
;
2467.629 1 ? ? ? ? 
2 polymer syn 
;RNA (5'-R(*CP*CP*UP*GP*AP*CP*GP*C)-3')
;
2501.553 1 ? ? ? ? 
# 
loop_
_entity_poly.entity_id 
_entity_poly.type 
_entity_poly.nstd_linkage 
_entity_poly.nstd_monomer 
_entity_poly.pdbx_seq_one_letter_code 
_entity_poly.pdbx_seq_one_letter_code_can 
_entity_poly.pdbx_strand_id 
_entity_poly.pdbx_target_identifier 
1 polydeoxyribonucleotide no no '(DG)(DC)(DG)(DT)(DC)(DA)(DG)(DG)' GCGTCAGG A ? 
2 polyribonucleotide      no no CCUGACGC                           CCUGACGC B ? 
# 
loop_
_entity_poly_seq.entity_id 
_entity_poly_seq.num 
_entity_poly_seq.mon_id 
_entity_poly_seq.hetero 
1 1 DG n 
1 2 DC n 
1 3 DG n 
1 4 DT n 
1 5 DC n 
1 6 DA n 
1 7 DG n 
1 8 DG n 
2 1 C  n 
2 2 C  n 
2 3 U  n 
2 4 G  n 
2 5 A  n 
2 6 C  n 
2 7 G  n 
2 8 C  n 
# 
loop_
_chem_comp.id 
_chem_comp.type 
_chem_comp.mon_nstd_flag 
_chem_comp.name 
_chem_comp.pdbx_synonyms 
_chem_comp.formula 
_chem_comp.formula_weight 
A  'RNA linking' y "ADENOSINE-5'-MONOPHOSPHATE"         ? 'C10 H14 N5 O7 P' 347.221 
C  'RNA linking' y "CYTIDINE-5'-MONOPHOSPHATE"          ? 'C9 H14 N3 O8 P'  323.197 
DA 'DNA linking' y "2'-DEOXYADENOSINE-5'-MONOPHOSPHATE" ? 'C10 H14 N5 O6 P' 331.222 
DC 'DNA linking' y "2'-DEOXYCYTIDINE-5'-MONOPHOSPHATE"  ? 'C9 H14 N3 O7 P'  307.197 
DG 'DNA linking' y "2'-DEOXYGUANOSINE-5'-MONOPHOSPHATE" ? 'C10 H14 N5 O7 P' 347.221 
DT 'DNA linking' y "THYMIDINE-5'-MONOPHOSPHATE"         ? 'C10 H15 N2 O8 P' 322.208 
G  'RNA linking' y "GUANOSINE-5'-MONOPHOSPHATE"         ? 'C10 H14 N5 O8 P' 363.221 
U  'RNA linking' y "URIDINE-5'-MONOPHOSPHATE"           ? 'C9 H13 N2 O9 P'  324.181 
# 
loop_
_pdbx_poly_seq_scheme.asym_id 
_pdbx_poly_seq_scheme.entity_id 
_pdbx_poly_seq_scheme.seq_id 
_pdbx_poly_seq_scheme.mon_id 
_pdbx_poly_seq_scheme.ndb_seq_num 
_pdbx_poly_seq_scheme.pdb_seq_num 
_pdbx_poly_seq_scheme.auth_seq_num 
_pdbx_poly_seq_scheme.pdb_mon_id 
_pdbx_poly_seq_scheme.auth_mon_id 
_pdbx_poly_seq_scheme.pdb_strand_id 
_pdbx_poly_seq_scheme.pdb_ins_code 
_pdbx_poly_seq_scheme.hetero 
A 1 1 DG 1 1  1  DG G A . n 
A 1 2 DC 2 2  2  DC C A . n 
A 1 3 DG 3 3  3  DG G A . n 
A 1 4 DT 4 4  4  DT T A . n 
A 1 5 DC 5 5  5  DC C A . n 
A 1 6 DA 6 6  6  DA A A . n 
A 1 7 DG 7 7  7  DG G A . n 
A 1 8 DG 8 8  8  DG G A . n 
B 2 1 C  1 9  9  C  C B . n 
B 2 2 C  2 10 10 C  C B . n 
B 2 3 U  3 11 11 U  U B . n 
B 2 4 G  4 12 12 G  G B . n 
B 2 5 A  5 13 13 A  A B . n 
B 2 6 C  6 14 14 C  C B . n 
B 2 7 G  7 15 15 G  G B . n 
B 2 8 C  8 16 16 C  C B . n 
# 
_cell.entry_id           8DRH 
_cell.length_a           1.000 
_cell.length_b           1.000 
_cell.length_c           1.000 
_cell.angle_alpha        90.00 
_cell.angle_beta         90.00 
_cell.angle_gamma        90.00 
_cell.Z_PDB              1 
_cell.pdbx_unique_axis   ? 
# 
_symmetry.entry_id                         8DRH 
_symmetry.space_group_name_H-M             'P 1' 
_symmetry.pdbx_full_space_group_name_H-M   ? 
_symmetry.cell_setting                     ? 
_symmetry.Int_Tables_number                1 
# 
_exptl.entry_id          8DRH 
_exptl.method            'SOLUTION NMR' 
_exptl.crystals_number   ? 
# 
_struct.entry_id                  8DRH 
_struct.title                     'HIGH RESOLUTION NMR STRUCTURE OF THE D(GCGTCAGG)R(CCUGACGC) HYBRID, MINIMIZED AVERAGE STRUCTURE' 
_struct.pdbx_model_details        ? 
_struct.pdbx_CASP_flag            ? 
_struct.pdbx_model_type_details   ? 
# 
_struct_keywords.entry_id        8DRH 
_struct_keywords.pdbx_keywords   'DNA-RNA HYBRID' 
_struct_keywords.text            'OLIGONUCLEOTIDE, DNA/RNA HYBRID, DEOXYRIBONUCLEIC ACID/RIBONUCLEIC ACID, DNA-RNA HYBRID' 
# 
loop_
_struct_asym.id 
_struct_asym.pdbx_blank_PDB_chainid_flag 
_struct_asym.pdbx_modified 
_struct_asym.entity_id 
_struct_asym.details 
A N N 1 ? 
B N N 2 ? 
# 
loop_
_struct_ref.id 
_struct_ref.entity_id 
_struct_ref.db_name 
_struct_ref.db_code 
_struct_ref.pdbx_db_accession 
_struct_ref.pdbx_db_isoform 
_struct_ref.pdbx_seq_one_letter_code 
_struct_ref.pdbx_align_begin 
1 1 PDB 8DRH 8DRH ? ? ? 
2 2 PDB 8DRH 8DRH ? ? ? 
# 
loop_
_struct_ref_seq.align_id 
_struct_ref_seq.ref_id 
_struct_ref_seq.pdbx_PDB_id_code 
_struct_ref_seq.pdbx_strand_id 
_struct_ref_seq.seq_align_beg 
_struct_ref_seq.pdbx_seq_align_beg_ins_code 
_struct_ref_seq.seq_align_end 
_struct_ref_seq.pdbx_seq_align_end_ins_code 
_struct_ref_seq.pdbx_db_accession 
_struct_ref_seq.db_align_beg 
_struct_ref_seq.pdbx_db_align_beg_ins_code 
_struct_ref_seq.db_align_end 
_struct_ref_seq.pdbx_db_align_end_ins_code 
_struct_ref_seq.pdbx_auth_seq_align_beg 
_struct_ref_seq.pdbx_auth_seq_align_end 
1 1 8DRH A 1 ? 8 ? 8DRH 1 ? 8  ? 1 8  
2 2 8DRH B 1 ? 8 ? 8DRH 9 ? 16 ? 9 16 
# 
_pdbx_struct_assembly.id                   1 
_pdbx_struct_assembly.details              author_defined_assembly 
_pdbx_struct_assembly.method_details       ? 
_pdbx_struct_assembly.oligomeric_details   dimeric 
_pdbx_struct_assembly.oligomeric_count     2 
# 
_pdbx_struct_assembly_gen.assembly_id       1 
_pdbx_struct_assembly_gen.oper_expression   1 
_pdbx_struct_assembly_gen.asym_id_list      A,B 
# 
_pdbx_struct_oper_list.id                   1 
_pdbx_struct_oper_list.type                 'identity operation' 
_pdbx_struct_oper_list.name                 1_555 
_pdbx_struct_oper_list.symmetry_operation   x,y,z 
_pdbx_struct_oper_list.matrix[1][1]         1.0000000000 
_pdbx_struct_oper_list.matrix[1][2]         0.0000000000 
_pdbx_struct_oper_list.matrix[1][3]         0.0000000000 
_pdbx_struct_oper_list.vector[1]            0.0000000000 
_pdbx_struct_oper_list.matrix[2][1]         0.0000000000 
_pdbx_struct_oper_list.matrix[2][2]         1.0000000000 
_pdbx_struct_oper_list.matrix[2][3]         0.0000000000 
_pdbx_struct_oper_list.vector[2]            0.0000000000 
_pdbx_struct_oper_list.matrix[3][1]         0.0000000000 
_pdbx_struct_oper_list.matrix[3][2]         0.0000000000 
_pdbx_struct_oper_list.matrix[3][3]         1.0000000000 
_pdbx_struct_oper_list.vector[3]            0.0000000000 
# 
_struct_biol.id   1 
# 
loop_
_struct_conn.id 
_struct_conn.conn_type_id 
_struct_conn.pdbx_leaving_atom_flag 
_struct_conn.pdbx_PDB_id 
_struct_conn.ptnr1_label_asym_id 
_struct_conn.ptnr1_label_comp_id 
_struct_conn.ptnr1_label_seq_id 
_struct_conn.ptnr1_label_atom_id 
_struct_conn.pdbx_ptnr1_label_alt_id 
_struct_conn.pdbx_ptnr1_PDB_ins_code 
_struct_conn.pdbx_ptnr1_standard_comp_id 
_struct_conn.ptnr1_symmetry 
_struct_conn.ptnr2_label_asym_id 
_struct_conn.ptnr2_label_comp_id 
_struct_conn.ptnr2_label_seq_id 
_struct_conn.ptnr2_label_atom_id 
_struct_conn.pdbx_ptnr2_label_alt_id 
_struct_conn.pdbx_ptnr2_PDB_ins_code 
_struct_conn.ptnr1_auth_asym_id 
_struct_conn.ptnr1_auth_comp_id 
_struct_conn.ptnr1_auth_seq_id 
_struct_conn.ptnr2_auth_asym_id 
_struct_conn.ptnr2_auth_comp_id 
_struct_conn.ptnr2_auth_seq_id 
_struct_conn.ptnr2_symmetry 
_struct_conn.pdbx_ptnr3_label_atom_id 
_struct_conn.pdbx_ptnr3_label_seq_id 
_struct_conn.pdbx_ptnr3_label_comp_id 
_struct_conn.pdbx_ptnr3_label_asym_id 
_struct_conn.pdbx_ptnr3_label_alt_id 
_struct_conn.pdbx_ptnr3_PDB_ins_code 
_struct_conn.details 
_struct_conn.pdbx_dist_value 
_struct_conn.pdbx_value_order 
_struct_conn.pdbx_role 
hydrog1  hydrog ? ? A DG 1 N1 ? ? ? 1_555 B C 8 N3 ? ? A DG 1 B C 16 1_555 ? ? ? ? ? ? WATSON-CRICK ? ? ? 
hydrog2  hydrog ? ? A DG 1 N2 ? ? ? 1_555 B C 8 O2 ? ? A DG 1 B C 16 1_555 ? ? ? ? ? ? WATSON-CRICK ? ? ? 
hydrog3  hydrog ? ? A DG 1 O6 ? ? ? 1_555 B C 8 N4 ? ? A DG 1 B C 16 1_555 ? ? ? ? ? ? WATSON-CRICK ? ? ? 
hydrog4  hydrog ? ? A DC 2 N3 ? ? ? 1_555 B G 7 N1 ? ? A DC 2 B G 15 1_555 ? ? ? ? ? ? WATSON-CRICK ? ? ? 
hydrog5  hydrog ? ? A DC 2 N4 ? ? ? 1_555 B G 7 O6 ? ? A DC 2 B G 15 1_555 ? ? ? ? ? ? WATSON-CRICK ? ? ? 
hydrog6  hydrog ? ? A DC 2 O2 ? ? ? 1_555 B G 7 N2 ? ? A DC 2 B G 15 1_555 ? ? ? ? ? ? WATSON-CRICK ? ? ? 
hydrog7  hydrog ? ? A DG 3 N1 ? ? ? 1_555 B C 6 N3 ? ? A DG 3 B C 14 1_555 ? ? ? ? ? ? WATSON-CRICK ? ? ? 
hydrog8  hydrog ? ? A DG 3 N2 ? ? ? 1_555 B C 6 O2 ? ? A DG 3 B C 14 1_555 ? ? ? ? ? ? WATSON-CRICK ? ? ? 
hydrog9  hydrog ? ? A DG 3 O6 ? ? ? 1_555 B C 6 N4 ? ? A DG 3 B C 14 1_555 ? ? ? ? ? ? WATSON-CRICK ? ? ? 
hydrog10 hydrog ? ? A DT 4 N3 ? ? ? 1_555 B A 5 N1 ? ? A DT 4 B A 13 1_555 ? ? ? ? ? ? WATSON-CRICK ? ? ? 
hydrog11 hydrog ? ? A DT 4 O4 ? ? ? 1_555 B A 5 N6 ? ? A DT 4 B A 13 1_555 ? ? ? ? ? ? WATSON-CRICK ? ? ? 
hydrog12 hydrog ? ? A DC 5 N3 ? ? ? 1_555 B G 4 N1 ? ? A DC 5 B G 12 1_555 ? ? ? ? ? ? WATSON-CRICK ? ? ? 
hydrog13 hydrog ? ? A DC 5 N4 ? ? ? 1_555 B G 4 O6 ? ? A DC 5 B G 12 1_555 ? ? ? ? ? ? WATSON-CRICK ? ? ? 
hydrog14 hydrog ? ? A DC 5 O2 ? ? ? 1_555 B G 4 N2 ? ? A DC 5 B G 12 1_555 ? ? ? ? ? ? WATSON-CRICK ? ? ? 
hydrog15 hydrog ? ? A DA 6 N1 ? ? ? 1_555 B U 3 N3 ? ? A DA 6 B U 11 1_555 ? ? ? ? ? ? WATSON-CRICK ? ? ? 
hydrog16 hydrog ? ? A DA 6 N6 ? ? ? 1_555 B U 3 O4 ? ? A DA 6 B U 11 1_555 ? ? ? ? ? ? WATSON-CRICK ? ? ? 
hydrog17 hydrog ? ? A DG 7 N1 ? ? ? 1_555 B C 2 N3 ? ? A DG 7 B C 10 1_555 ? ? ? ? ? ? WATSON-CRICK ? ? ? 
hydrog18 hydrog ? ? A DG 7 N2 ? ? ? 1_555 B C 2 O2 ? ? A DG 7 B C 10 1_555 ? ? ? ? ? ? WATSON-CRICK ? ? ? 
hydrog19 hydrog ? ? A DG 7 O6 ? ? ? 1_555 B C 2 N4 ? ? A DG 7 B C 10 1_555 ? ? ? ? ? ? WATSON-CRICK ? ? ? 
hydrog20 hydrog ? ? A DG 8 N1 ? ? ? 1_555 B C 1 N3 ? ? A DG 8 B C 9  1_555 ? ? ? ? ? ? WATSON-CRICK ? ? ? 
hydrog21 hydrog ? ? A DG 8 N2 ? ? ? 1_555 B C 1 O2 ? ? A DG 8 B C 9  1_555 ? ? ? ? ? ? WATSON-CRICK ? ? ? 
hydrog22 hydrog ? ? A DG 8 O6 ? ? ? 1_555 B C 1 N4 ? ? A DG 8 B C 9  1_555 ? ? ? ? ? ? WATSON-CRICK ? ? ? 
# 
_struct_conn_type.id          hydrog 
_struct_conn_type.criteria    ? 
_struct_conn_type.reference   ? 
# 
loop_
_pdbx_validate_rmsd_angle.id 
_pdbx_validate_rmsd_angle.PDB_model_num 
_pdbx_validate_rmsd_angle.auth_atom_id_1 
_pdbx_validate_rmsd_angle.auth_asym_id_1 
_pdbx_validate_rmsd_angle.auth_comp_id_1 
_pdbx_validate_rmsd_angle.auth_seq_id_1 
_pdbx_validate_rmsd_angle.PDB_ins_code_1 
_pdbx_validate_rmsd_angle.label_alt_id_1 
_pdbx_validate_rmsd_angle.auth_atom_id_2 
_pdbx_validate_rmsd_angle.auth_asym_id_2 
_pdbx_validate_rmsd_angle.auth_comp_id_2 
_pdbx_validate_rmsd_angle.auth_seq_id_2 
_pdbx_validate_rmsd_angle.PDB_ins_code_2 
_pdbx_validate_rmsd_angle.label_alt_id_2 
_pdbx_validate_rmsd_angle.auth_atom_id_3 
_pdbx_validate_rmsd_angle.auth_asym_id_3 
_pdbx_validate_rmsd_angle.auth_comp_id_3 
_pdbx_validate_rmsd_angle.auth_seq_id_3 
_pdbx_validate_rmsd_angle.PDB_ins_code_3 
_pdbx_validate_rmsd_angle.label_alt_id_3 
_pdbx_validate_rmsd_angle.angle_value 
_pdbx_validate_rmsd_angle.angle_target_value 
_pdbx_validate_rmsd_angle.angle_deviation 
_pdbx_validate_rmsd_angle.angle_standard_deviation 
_pdbx_validate_rmsd_angle.linker_flag 
1 1 "O4'" A DG 1 ? ? "C1'" A DG 1 ? ? N9 A DG 1 ? ? 112.22 108.30 3.92 0.30 N 
2 1 "O4'" A DG 3 ? ? "C1'" A DG 3 ? ? N9 A DG 3 ? ? 111.11 108.30 2.81 0.30 N 
3 1 "O4'" A DT 4 ? ? "C1'" A DT 4 ? ? N1 A DT 4 ? ? 110.44 108.30 2.14 0.30 N 
4 1 "O4'" A DC 5 ? ? "C1'" A DC 5 ? ? N1 A DC 5 ? ? 111.27 108.30 2.97 0.30 N 
5 1 "O4'" A DG 7 ? ? "C1'" A DG 7 ? ? N9 A DG 7 ? ? 110.17 108.30 1.87 0.30 N 
6 1 "O4'" A DG 8 ? ? "C1'" A DG 8 ? ? N9 A DG 8 ? ? 110.37 108.30 2.07 0.30 N 
# 
_pdbx_nmr_ensemble.entry_id                             8DRH 
_pdbx_nmr_ensemble.conformers_calculated_total_number   50 
_pdbx_nmr_ensemble.conformers_submitted_total_number    1 
_pdbx_nmr_ensemble.conformer_selection_criteria         'AVERAGE OF ALL STRUCTURES' 
# 
_pdbx_nmr_exptl_sample_conditions.conditions_id       1 
_pdbx_nmr_exptl_sample_conditions.temperature         295 
_pdbx_nmr_exptl_sample_conditions.pressure            ? 
_pdbx_nmr_exptl_sample_conditions.pH                  7.0 
_pdbx_nmr_exptl_sample_conditions.ionic_strength      ? 
_pdbx_nmr_exptl_sample_conditions.pressure_units      . 
_pdbx_nmr_exptl_sample_conditions.temperature_units   K 
# 
loop_
_pdbx_nmr_exptl.experiment_id 
_pdbx_nmr_exptl.conditions_id 
_pdbx_nmr_exptl.type 
_pdbx_nmr_exptl.solution_id 
1 1 NOESY      1 
2 1 P.E.COSY   1 
3 1 TOCSY      1 
4 1 'P-H COSY' 1 
# 
_pdbx_nmr_refine.entry_id           8DRH 
_pdbx_nmr_refine.method             'simulated annealing' 
_pdbx_nmr_refine.details            ? 
_pdbx_nmr_refine.software_ordinal   1 
# 
loop_
_pdbx_nmr_software.classification 
_pdbx_nmr_software.name 
_pdbx_nmr_software.version 
_pdbx_nmr_software.authors 
_pdbx_nmr_software.ordinal 
refinement           Discover         2.97  MSI 1 
'structure solution' 'BRUKER UXNMR'   UXNMR ?   2 
'structure solution' 'TRIAD SYBYL'    SYBYL ?   3 
'structure solution' MARDIGRAS        ?     ?   4 
'structure solution' 'MSI INSIGHT II' II    ?   5 
# 
loop_
_chem_comp_atom.comp_id 
_chem_comp_atom.atom_id 
_chem_comp_atom.type_symbol 
_chem_comp_atom.pdbx_aromatic_flag 
_chem_comp_atom.pdbx_stereo_config 
_chem_comp_atom.pdbx_ordinal 
A  OP3    O N N 1   
A  P      P N N 2   
A  OP1    O N N 3   
A  OP2    O N N 4   
A  "O5'"  O N N 5   
A  "C5'"  C N N 6   
A  "C4'"  C N R 7   
A  "O4'"  O N N 8   
A  "C3'"  C N S 9   
A  "O3'"  O N N 10  
A  "C2'"  C N R 11  
A  "O2'"  O N N 12  
A  "C1'"  C N R 13  
A  N9     N Y N 14  
A  C8     C Y N 15  
A  N7     N Y N 16  
A  C5     C Y N 17  
A  C6     C Y N 18  
A  N6     N N N 19  
A  N1     N Y N 20  
A  C2     C Y N 21  
A  N3     N Y N 22  
A  C4     C Y N 23  
A  HOP3   H N N 24  
A  HOP2   H N N 25  
A  "H5'"  H N N 26  
A  "H5''" H N N 27  
A  "H4'"  H N N 28  
A  "H3'"  H N N 29  
A  "HO3'" H N N 30  
A  "H2'"  H N N 31  
A  "HO2'" H N N 32  
A  "H1'"  H N N 33  
A  H8     H N N 34  
A  H61    H N N 35  
A  H62    H N N 36  
A  H2     H N N 37  
C  OP3    O N N 38  
C  P      P N N 39  
C  OP1    O N N 40  
C  OP2    O N N 41  
C  "O5'"  O N N 42  
C  "C5'"  C N N 43  
C  "C4'"  C N R 44  
C  "O4'"  O N N 45  
C  "C3'"  C N S 46  
C  "O3'"  O N N 47  
C  "C2'"  C N R 48  
C  "O2'"  O N N 49  
C  "C1'"  C N R 50  
C  N1     N N N 51  
C  C2     C N N 52  
C  O2     O N N 53  
C  N3     N N N 54  
C  C4     C N N 55  
C  N4     N N N 56  
C  C5     C N N 57  
C  C6     C N N 58  
C  HOP3   H N N 59  
C  HOP2   H N N 60  
C  "H5'"  H N N 61  
C  "H5''" H N N 62  
C  "H4'"  H N N 63  
C  "H3'"  H N N 64  
C  "HO3'" H N N 65  
C  "H2'"  H N N 66  
C  "HO2'" H N N 67  
C  "H1'"  H N N 68  
C  H41    H N N 69  
C  H42    H N N 70  
C  H5     H N N 71  
C  H6     H N N 72  
DA OP3    O N N 73  
DA P      P N N 74  
DA OP1    O N N 75  
DA OP2    O N N 76  
DA "O5'"  O N N 77  
DA "C5'"  C N N 78  
DA "C4'"  C N R 79  
DA "O4'"  O N N 80  
DA "C3'"  C N S 81  
DA "O3'"  O N N 82  
DA "C2'"  C N N 83  
DA "C1'"  C N R 84  
DA N9     N Y N 85  
DA C8     C Y N 86  
DA N7     N Y N 87  
DA C5     C Y N 88  
DA C6     C Y N 89  
DA N6     N N N 90  
DA N1     N Y N 91  
DA C2     C Y N 92  
DA N3     N Y N 93  
DA C4     C Y N 94  
DA HOP3   H N N 95  
DA HOP2   H N N 96  
DA "H5'"  H N N 97  
DA "H5''" H N N 98  
DA "H4'"  H N N 99  
DA "H3'"  H N N 100 
DA "HO3'" H N N 101 
DA "H2'"  H N N 102 
DA "H2''" H N N 103 
DA "H1'"  H N N 104 
DA H8     H N N 105 
DA H61    H N N 106 
DA H62    H N N 107 
DA H2     H N N 108 
DC OP3    O N N 109 
DC P      P N N 110 
DC OP1    O N N 111 
DC OP2    O N N 112 
DC "O5'"  O N N 113 
DC "C5'"  C N N 114 
DC "C4'"  C N R 115 
DC "O4'"  O N N 116 
DC "C3'"  C N S 117 
DC "O3'"  O N N 118 
DC "C2'"  C N N 119 
DC "C1'"  C N R 120 
DC N1     N N N 121 
DC C2     C N N 122 
DC O2     O N N 123 
DC N3     N N N 124 
DC C4     C N N 125 
DC N4     N N N 126 
DC C5     C N N 127 
DC C6     C N N 128 
DC HOP3   H N N 129 
DC HOP2   H N N 130 
DC "H5'"  H N N 131 
DC "H5''" H N N 132 
DC "H4'"  H N N 133 
DC "H3'"  H N N 134 
DC "HO3'" H N N 135 
DC "H2'"  H N N 136 
DC "H2''" H N N 137 
DC "H1'"  H N N 138 
DC H41    H N N 139 
DC H42    H N N 140 
DC H5     H N N 141 
DC H6     H N N 142 
DG OP3    O N N 143 
DG P      P N N 144 
DG OP1    O N N 145 
DG OP2    O N N 146 
DG "O5'"  O N N 147 
DG "C5'"  C N N 148 
DG "C4'"  C N R 149 
DG "O4'"  O N N 150 
DG "C3'"  C N S 151 
DG "O3'"  O N N 152 
DG "C2'"  C N N 153 
DG "C1'"  C N R 154 
DG N9     N Y N 155 
DG C8     C Y N 156 
DG N7     N Y N 157 
DG C5     C Y N 158 
DG C6     C N N 159 
DG O6     O N N 160 
DG N1     N N N 161 
DG C2     C N N 162 
DG N2     N N N 163 
DG N3     N N N 164 
DG C4     C Y N 165 
DG HOP3   H N N 166 
DG HOP2   H N N 167 
DG "H5'"  H N N 168 
DG "H5''" H N N 169 
DG "H4'"  H N N 170 
DG "H3'"  H N N 171 
DG "HO3'" H N N 172 
DG "H2'"  H N N 173 
DG "H2''" H N N 174 
DG "H1'"  H N N 175 
DG H8     H N N 176 
DG H1     H N N 177 
DG H21    H N N 178 
DG H22    H N N 179 
DT OP3    O N N 180 
DT P      P N N 181 
DT OP1    O N N 182 
DT OP2    O N N 183 
DT "O5'"  O N N 184 
DT "C5'"  C N N 185 
DT "C4'"  C N R 186 
DT "O4'"  O N N 187 
DT "C3'"  C N S 188 
DT "O3'"  O N N 189 
DT "C2'"  C N N 190 
DT "C1'"  C N R 191 
DT N1     N N N 192 
DT C2     C N N 193 
DT O2     O N N 194 
DT N3     N N N 195 
DT C4     C N N 196 
DT O4     O N N 197 
DT C5     C N N 198 
DT C7     C N N 199 
DT C6     C N N 200 
DT HOP3   H N N 201 
DT HOP2   H N N 202 
DT "H5'"  H N N 203 
DT "H5''" H N N 204 
DT "H4'"  H N N 205 
DT "H3'"  H N N 206 
DT "HO3'" H N N 207 
DT "H2'"  H N N 208 
DT "H2''" H N N 209 
DT "H1'"  H N N 210 
DT H3     H N N 211 
DT H71    H N N 212 
DT H72    H N N 213 
DT H73    H N N 214 
DT H6     H N N 215 
G  OP3    O N N 216 
G  P      P N N 217 
G  OP1    O N N 218 
G  OP2    O N N 219 
G  "O5'"  O N N 220 
G  "C5'"  C N N 221 
G  "C4'"  C N R 222 
G  "O4'"  O N N 223 
G  "C3'"  C N S 224 
G  "O3'"  O N N 225 
G  "C2'"  C N R 226 
G  "O2'"  O N N 227 
G  "C1'"  C N R 228 
G  N9     N Y N 229 
G  C8     C Y N 230 
G  N7     N Y N 231 
G  C5     C Y N 232 
G  C6     C N N 233 
G  O6     O N N 234 
G  N1     N N N 235 
G  C2     C N N 236 
G  N2     N N N 237 
G  N3     N N N 238 
G  C4     C Y N 239 
G  HOP3   H N N 240 
G  HOP2   H N N 241 
G  "H5'"  H N N 242 
G  "H5''" H N N 243 
G  "H4'"  H N N 244 
G  "H3'"  H N N 245 
G  "HO3'" H N N 246 
G  "H2'"  H N N 247 
G  "HO2'" H N N 248 
G  "H1'"  H N N 249 
G  H8     H N N 250 
G  H1     H N N 251 
G  H21    H N N 252 
G  H22    H N N 253 
U  OP3    O N N 254 
U  P      P N N 255 
U  OP1    O N N 256 
U  OP2    O N N 257 
U  "O5'"  O N N 258 
U  "C5'"  C N N 259 
U  "C4'"  C N R 260 
U  "O4'"  O N N 261 
U  "C3'"  C N S 262 
U  "O3'"  O N N 263 
U  "C2'"  C N R 264 
U  "O2'"  O N N 265 
U  "C1'"  C N R 266 
U  N1     N N N 267 
U  C2     C N N 268 
U  O2     O N N 269 
U  N3     N N N 270 
U  C4     C N N 271 
U  O4     O N N 272 
U  C5     C N N 273 
U  C6     C N N 274 
U  HOP3   H N N 275 
U  HOP2   H N N 276 
U  "H5'"  H N N 277 
U  "H5''" H N N 278 
U  "H4'"  H N N 279 
U  "H3'"  H N N 280 
U  "HO3'" H N N 281 
U  "H2'"  H N N 282 
U  "HO2'" H N N 283 
U  "H1'"  H N N 284 
U  H3     H N N 285 
U  H5     H N N 286 
U  H6     H N N 287 
# 
loop_
_chem_comp_bond.comp_id 
_chem_comp_bond.atom_id_1 
_chem_comp_bond.atom_id_2 
_chem_comp_bond.value_order 
_chem_comp_bond.pdbx_aromatic_flag 
_chem_comp_bond.pdbx_stereo_config 
_chem_comp_bond.pdbx_ordinal 
A  OP3   P      sing N N 1   
A  OP3   HOP3   sing N N 2   
A  P     OP1    doub N N 3   
A  P     OP2    sing N N 4   
A  P     "O5'"  sing N N 5   
A  OP2   HOP2   sing N N 6   
A  "O5'" "C5'"  sing N N 7   
A  "C5'" "C4'"  sing N N 8   
A  "C5'" "H5'"  sing N N 9   
A  "C5'" "H5''" sing N N 10  
A  "C4'" "O4'"  sing N N 11  
A  "C4'" "C3'"  sing N N 12  
A  "C4'" "H4'"  sing N N 13  
A  "O4'" "C1'"  sing N N 14  
A  "C3'" "O3'"  sing N N 15  
A  "C3'" "C2'"  sing N N 16  
A  "C3'" "H3'"  sing N N 17  
A  "O3'" "HO3'" sing N N 18  
A  "C2'" "O2'"  sing N N 19  
A  "C2'" "C1'"  sing N N 20  
A  "C2'" "H2'"  sing N N 21  
A  "O2'" "HO2'" sing N N 22  
A  "C1'" N9     sing N N 23  
A  "C1'" "H1'"  sing N N 24  
A  N9    C8     sing Y N 25  
A  N9    C4     sing Y N 26  
A  C8    N7     doub Y N 27  
A  C8    H8     sing N N 28  
A  N7    C5     sing Y N 29  
A  C5    C6     sing Y N 30  
A  C5    C4     doub Y N 31  
A  C6    N6     sing N N 32  
A  C6    N1     doub Y N 33  
A  N6    H61    sing N N 34  
A  N6    H62    sing N N 35  
A  N1    C2     sing Y N 36  
A  C2    N3     doub Y N 37  
A  C2    H2     sing N N 38  
A  N3    C4     sing Y N 39  
C  OP3   P      sing N N 40  
C  OP3   HOP3   sing N N 41  
C  P     OP1    doub N N 42  
C  P     OP2    sing N N 43  
C  P     "O5'"  sing N N 44  
C  OP2   HOP2   sing N N 45  
C  "O5'" "C5'"  sing N N 46  
C  "C5'" "C4'"  sing N N 47  
C  "C5'" "H5'"  sing N N 48  
C  "C5'" "H5''" sing N N 49  
C  "C4'" "O4'"  sing N N 50  
C  "C4'" "C3'"  sing N N 51  
C  "C4'" "H4'"  sing N N 52  
C  "O4'" "C1'"  sing N N 53  
C  "C3'" "O3'"  sing N N 54  
C  "C3'" "C2'"  sing N N 55  
C  "C3'" "H3'"  sing N N 56  
C  "O3'" "HO3'" sing N N 57  
C  "C2'" "O2'"  sing N N 58  
C  "C2'" "C1'"  sing N N 59  
C  "C2'" "H2'"  sing N N 60  
C  "O2'" "HO2'" sing N N 61  
C  "C1'" N1     sing N N 62  
C  "C1'" "H1'"  sing N N 63  
C  N1    C2     sing N N 64  
C  N1    C6     sing N N 65  
C  C2    O2     doub N N 66  
C  C2    N3     sing N N 67  
C  N3    C4     doub N N 68  
C  C4    N4     sing N N 69  
C  C4    C5     sing N N 70  
C  N4    H41    sing N N 71  
C  N4    H42    sing N N 72  
C  C5    C6     doub N N 73  
C  C5    H5     sing N N 74  
C  C6    H6     sing N N 75  
DA OP3   P      sing N N 76  
DA OP3   HOP3   sing N N 77  
DA P     OP1    doub N N 78  
DA P     OP2    sing N N 79  
DA P     "O5'"  sing N N 80  
DA OP2   HOP2   sing N N 81  
DA "O5'" "C5'"  sing N N 82  
DA "C5'" "C4'"  sing N N 83  
DA "C5'" "H5'"  sing N N 84  
DA "C5'" "H5''" sing N N 85  
DA "C4'" "O4'"  sing N N 86  
DA "C4'" "C3'"  sing N N 87  
DA "C4'" "H4'"  sing N N 88  
DA "O4'" "C1'"  sing N N 89  
DA "C3'" "O3'"  sing N N 90  
DA "C3'" "C2'"  sing N N 91  
DA "C3'" "H3'"  sing N N 92  
DA "O3'" "HO3'" sing N N 93  
DA "C2'" "C1'"  sing N N 94  
DA "C2'" "H2'"  sing N N 95  
DA "C2'" "H2''" sing N N 96  
DA "C1'" N9     sing N N 97  
DA "C1'" "H1'"  sing N N 98  
DA N9    C8     sing Y N 99  
DA N9    C4     sing Y N 100 
DA C8    N7     doub Y N 101 
DA C8    H8     sing N N 102 
DA N7    C5     sing Y N 103 
DA C5    C6     sing Y N 104 
DA C5    C4     doub Y N 105 
DA C6    N6     sing N N 106 
DA C6    N1     doub Y N 107 
DA N6    H61    sing N N 108 
DA N6    H62    sing N N 109 
DA N1    C2     sing Y N 110 
DA C2    N3     doub Y N 111 
DA C2    H2     sing N N 112 
DA N3    C4     sing Y N 113 
DC OP3   P      sing N N 114 
DC OP3   HOP3   sing N N 115 
DC P     OP1    doub N N 116 
DC P     OP2    sing N N 117 
DC P     "O5'"  sing N N 118 
DC OP2   HOP2   sing N N 119 
DC "O5'" "C5'"  sing N N 120 
DC "C5'" "C4'"  sing N N 121 
DC "C5'" "H5'"  sing N N 122 
DC "C5'" "H5''" sing N N 123 
DC "C4'" "O4'"  sing N N 124 
DC "C4'" "C3'"  sing N N 125 
DC "C4'" "H4'"  sing N N 126 
DC "O4'" "C1'"  sing N N 127 
DC "C3'" "O3'"  sing N N 128 
DC "C3'" "C2'"  sing N N 129 
DC "C3'" "H3'"  sing N N 130 
DC "O3'" "HO3'" sing N N 131 
DC "C2'" "C1'"  sing N N 132 
DC "C2'" "H2'"  sing N N 133 
DC "C2'" "H2''" sing N N 134 
DC "C1'" N1     sing N N 135 
DC "C1'" "H1'"  sing N N 136 
DC N1    C2     sing N N 137 
DC N1    C6     sing N N 138 
DC C2    O2     doub N N 139 
DC C2    N3     sing N N 140 
DC N3    C4     doub N N 141 
DC C4    N4     sing N N 142 
DC C4    C5     sing N N 143 
DC N4    H41    sing N N 144 
DC N4    H42    sing N N 145 
DC C5    C6     doub N N 146 
DC C5    H5     sing N N 147 
DC C6    H6     sing N N 148 
DG OP3   P      sing N N 149 
DG OP3   HOP3   sing N N 150 
DG P     OP1    doub N N 151 
DG P     OP2    sing N N 152 
DG P     "O5'"  sing N N 153 
DG OP2   HOP2   sing N N 154 
DG "O5'" "C5'"  sing N N 155 
DG "C5'" "C4'"  sing N N 156 
DG "C5'" "H5'"  sing N N 157 
DG "C5'" "H5''" sing N N 158 
DG "C4'" "O4'"  sing N N 159 
DG "C4'" "C3'"  sing N N 160 
DG "C4'" "H4'"  sing N N 161 
DG "O4'" "C1'"  sing N N 162 
DG "C3'" "O3'"  sing N N 163 
DG "C3'" "C2'"  sing N N 164 
DG "C3'" "H3'"  sing N N 165 
DG "O3'" "HO3'" sing N N 166 
DG "C2'" "C1'"  sing N N 167 
DG "C2'" "H2'"  sing N N 168 
DG "C2'" "H2''" sing N N 169 
DG "C1'" N9     sing N N 170 
DG "C1'" "H1'"  sing N N 171 
DG N9    C8     sing Y N 172 
DG N9    C4     sing Y N 173 
DG C8    N7     doub Y N 174 
DG C8    H8     sing N N 175 
DG N7    C5     sing Y N 176 
DG C5    C6     sing N N 177 
DG C5    C4     doub Y N 178 
DG C6    O6     doub N N 179 
DG C6    N1     sing N N 180 
DG N1    C2     sing N N 181 
DG N1    H1     sing N N 182 
DG C2    N2     sing N N 183 
DG C2    N3     doub N N 184 
DG N2    H21    sing N N 185 
DG N2    H22    sing N N 186 
DG N3    C4     sing N N 187 
DT OP3   P      sing N N 188 
DT OP3   HOP3   sing N N 189 
DT P     OP1    doub N N 190 
DT P     OP2    sing N N 191 
DT P     "O5'"  sing N N 192 
DT OP2   HOP2   sing N N 193 
DT "O5'" "C5'"  sing N N 194 
DT "C5'" "C4'"  sing N N 195 
DT "C5'" "H5'"  sing N N 196 
DT "C5'" "H5''" sing N N 197 
DT "C4'" "O4'"  sing N N 198 
DT "C4'" "C3'"  sing N N 199 
DT "C4'" "H4'"  sing N N 200 
DT "O4'" "C1'"  sing N N 201 
DT "C3'" "O3'"  sing N N 202 
DT "C3'" "C2'"  sing N N 203 
DT "C3'" "H3'"  sing N N 204 
DT "O3'" "HO3'" sing N N 205 
DT "C2'" "C1'"  sing N N 206 
DT "C2'" "H2'"  sing N N 207 
DT "C2'" "H2''" sing N N 208 
DT "C1'" N1     sing N N 209 
DT "C1'" "H1'"  sing N N 210 
DT N1    C2     sing N N 211 
DT N1    C6     sing N N 212 
DT C2    O2     doub N N 213 
DT C2    N3     sing N N 214 
DT N3    C4     sing N N 215 
DT N3    H3     sing N N 216 
DT C4    O4     doub N N 217 
DT C4    C5     sing N N 218 
DT C5    C7     sing N N 219 
DT C5    C6     doub N N 220 
DT C7    H71    sing N N 221 
DT C7    H72    sing N N 222 
DT C7    H73    sing N N 223 
DT C6    H6     sing N N 224 
G  OP3   P      sing N N 225 
G  OP3   HOP3   sing N N 226 
G  P     OP1    doub N N 227 
G  P     OP2    sing N N 228 
G  P     "O5'"  sing N N 229 
G  OP2   HOP2   sing N N 230 
G  "O5'" "C5'"  sing N N 231 
G  "C5'" "C4'"  sing N N 232 
G  "C5'" "H5'"  sing N N 233 
G  "C5'" "H5''" sing N N 234 
G  "C4'" "O4'"  sing N N 235 
G  "C4'" "C3'"  sing N N 236 
G  "C4'" "H4'"  sing N N 237 
G  "O4'" "C1'"  sing N N 238 
G  "C3'" "O3'"  sing N N 239 
G  "C3'" "C2'"  sing N N 240 
G  "C3'" "H3'"  sing N N 241 
G  "O3'" "HO3'" sing N N 242 
G  "C2'" "O2'"  sing N N 243 
G  "C2'" "C1'"  sing N N 244 
G  "C2'" "H2'"  sing N N 245 
G  "O2'" "HO2'" sing N N 246 
G  "C1'" N9     sing N N 247 
G  "C1'" "H1'"  sing N N 248 
G  N9    C8     sing Y N 249 
G  N9    C4     sing Y N 250 
G  C8    N7     doub Y N 251 
G  C8    H8     sing N N 252 
G  N7    C5     sing Y N 253 
G  C5    C6     sing N N 254 
G  C5    C4     doub Y N 255 
G  C6    O6     doub N N 256 
G  C6    N1     sing N N 257 
G  N1    C2     sing N N 258 
G  N1    H1     sing N N 259 
G  C2    N2     sing N N 260 
G  C2    N3     doub N N 261 
G  N2    H21    sing N N 262 
G  N2    H22    sing N N 263 
G  N3    C4     sing N N 264 
U  OP3   P      sing N N 265 
U  OP3   HOP3   sing N N 266 
U  P     OP1    doub N N 267 
U  P     OP2    sing N N 268 
U  P     "O5'"  sing N N 269 
U  OP2   HOP2   sing N N 270 
U  "O5'" "C5'"  sing N N 271 
U  "C5'" "C4'"  sing N N 272 
U  "C5'" "H5'"  sing N N 273 
U  "C5'" "H5''" sing N N 274 
U  "C4'" "O4'"  sing N N 275 
U  "C4'" "C3'"  sing N N 276 
U  "C4'" "H4'"  sing N N 277 
U  "O4'" "C1'"  sing N N 278 
U  "C3'" "O3'"  sing N N 279 
U  "C3'" "C2'"  sing N N 280 
U  "C3'" "H3'"  sing N N 281 
U  "O3'" "HO3'" sing N N 282 
U  "C2'" "O2'"  sing N N 283 
U  "C2'" "C1'"  sing N N 284 
U  "C2'" "H2'"  sing N N 285 
U  "O2'" "HO2'" sing N N 286 
U  "C1'" N1     sing N N 287 
U  "C1'" "H1'"  sing N N 288 
U  N1    C2     sing N N 289 
U  N1    C6     sing N N 290 
U  C2    O2     doub N N 291 
U  C2    N3     sing N N 292 
U  N3    C4     sing N N 293 
U  N3    H3     sing N N 294 
U  C4    O4     doub N N 295 
U  C4    C5     sing N N 296 
U  C5    C6     doub N N 297 
U  C5    H5     sing N N 298 
U  C6    H6     sing N N 299 
# 
loop_
_ndb_struct_conf_na.entry_id 
_ndb_struct_conf_na.feature 
8DRH 'double helix'        
8DRH 'a-form double helix' 
# 
loop_
_ndb_struct_na_base_pair.model_number 
_ndb_struct_na_base_pair.i_label_asym_id 
_ndb_struct_na_base_pair.i_label_comp_id 
_ndb_struct_na_base_pair.i_label_seq_id 
_ndb_struct_na_base_pair.i_symmetry 
_ndb_struct_na_base_pair.j_label_asym_id 
_ndb_struct_na_base_pair.j_label_comp_id 
_ndb_struct_na_base_pair.j_label_seq_id 
_ndb_struct_na_base_pair.j_symmetry 
_ndb_struct_na_base_pair.shear 
_ndb_struct_na_base_pair.stretch 
_ndb_struct_na_base_pair.stagger 
_ndb_struct_na_base_pair.buckle 
_ndb_struct_na_base_pair.propeller 
_ndb_struct_na_base_pair.opening 
_ndb_struct_na_base_pair.pair_number 
_ndb_struct_na_base_pair.pair_name 
_ndb_struct_na_base_pair.i_auth_asym_id 
_ndb_struct_na_base_pair.i_auth_seq_id 
_ndb_struct_na_base_pair.i_PDB_ins_code 
_ndb_struct_na_base_pair.j_auth_asym_id 
_ndb_struct_na_base_pair.j_auth_seq_id 
_ndb_struct_na_base_pair.j_PDB_ins_code 
_ndb_struct_na_base_pair.hbond_type_28 
_ndb_struct_na_base_pair.hbond_type_12 
1 A DG 1 1_555 B C 8 1_555 -0.636 -0.188 -0.140 -6.011 2.738   -1.989 1 A_DG1:C16_B A 1 ? B 16 ? 19 1 
1 A DC 2 1_555 B G 7 1_555 0.482  -0.158 -0.031 12.593 -7.388  -2.523 2 A_DC2:G15_B A 2 ? B 15 ? 19 1 
1 A DG 3 1_555 B C 6 1_555 -0.585 -0.254 0.048  -0.805 -22.858 -1.398 3 A_DG3:C14_B A 3 ? B 14 ? 19 1 
1 A DT 4 1_555 B A 5 1_555 0.452  -0.139 -0.187 9.127  -20.316 -2.749 4 A_DT4:A13_B A 4 ? B 13 ? 20 1 
1 A DC 5 1_555 B G 4 1_555 -0.487 -0.047 -0.014 6.191  -13.594 -2.309 5 A_DC5:G12_B A 5 ? B 12 ? 19 1 
1 A DA 6 1_555 B U 3 1_555 0.025  -0.032 0.084  5.567  -12.520 -3.686 6 A_DA6:U11_B A 6 ? B 11 ? 20 1 
1 A DG 7 1_555 B C 2 1_555 -0.359 -0.186 0.364  5.849  -18.086 -1.998 7 A_DG7:C10_B A 7 ? B 10 ? 19 1 
1 A DG 8 1_555 B C 1 1_555 0.115  -0.106 0.252  -9.797 -24.818 -4.258 8 A_DG8:C9_B  A 8 ? B 9  ? 19 1 
# 
loop_
_ndb_struct_na_base_pair_step.model_number 
_ndb_struct_na_base_pair_step.i_label_asym_id_1 
_ndb_struct_na_base_pair_step.i_label_comp_id_1 
_ndb_struct_na_base_pair_step.i_label_seq_id_1 
_ndb_struct_na_base_pair_step.i_symmetry_1 
_ndb_struct_na_base_pair_step.j_label_asym_id_1 
_ndb_struct_na_base_pair_step.j_label_comp_id_1 
_ndb_struct_na_base_pair_step.j_label_seq_id_1 
_ndb_struct_na_base_pair_step.j_symmetry_1 
_ndb_struct_na_base_pair_step.i_label_asym_id_2 
_ndb_struct_na_base_pair_step.i_label_comp_id_2 
_ndb_struct_na_base_pair_step.i_label_seq_id_2 
_ndb_struct_na_base_pair_step.i_symmetry_2 
_ndb_struct_na_base_pair_step.j_label_asym_id_2 
_ndb_struct_na_base_pair_step.j_label_comp_id_2 
_ndb_struct_na_base_pair_step.j_label_seq_id_2 
_ndb_struct_na_base_pair_step.j_symmetry_2 
_ndb_struct_na_base_pair_step.shift 
_ndb_struct_na_base_pair_step.slide 
_ndb_struct_na_base_pair_step.rise 
_ndb_struct_na_base_pair_step.tilt 
_ndb_struct_na_base_pair_step.roll 
_ndb_struct_na_base_pair_step.twist 
_ndb_struct_na_base_pair_step.x_displacement 
_ndb_struct_na_base_pair_step.y_displacement 
_ndb_struct_na_base_pair_step.helical_rise 
_ndb_struct_na_base_pair_step.inclination 
_ndb_struct_na_base_pair_step.tip 
_ndb_struct_na_base_pair_step.helical_twist 
_ndb_struct_na_base_pair_step.step_number 
_ndb_struct_na_base_pair_step.step_name 
_ndb_struct_na_base_pair_step.i_auth_asym_id_1 
_ndb_struct_na_base_pair_step.i_auth_seq_id_1 
_ndb_struct_na_base_pair_step.i_PDB_ins_code_1 
_ndb_struct_na_base_pair_step.j_auth_asym_id_1 
_ndb_struct_na_base_pair_step.j_auth_seq_id_1 
_ndb_struct_na_base_pair_step.j_PDB_ins_code_1 
_ndb_struct_na_base_pair_step.i_auth_asym_id_2 
_ndb_struct_na_base_pair_step.i_auth_seq_id_2 
_ndb_struct_na_base_pair_step.i_PDB_ins_code_2 
_ndb_struct_na_base_pair_step.j_auth_asym_id_2 
_ndb_struct_na_base_pair_step.j_auth_seq_id_2 
_ndb_struct_na_base_pair_step.j_PDB_ins_code_2 
1 A DG 1 1_555 B C 8 1_555 A DC 2 1_555 B G 7 1_555 -0.608 -0.640 2.834 -1.845 4.677  36.727 -1.546 0.744  2.761 7.380  2.912  
37.058 1 AA_DG1DC2:G15C16_BB A 1 ? B 16 ? A 2 ? B 15 ? 
1 A DC 2 1_555 B G 7 1_555 A DG 3 1_555 B C 6 1_555 -0.197 -1.457 3.245 -4.767 14.411 28.895 -4.858 -0.396 2.285 26.683 8.826  
32.564 2 AA_DC2DG3:C14G15_BB A 2 ? B 15 ? A 3 ? B 14 ? 
1 A DG 3 1_555 B C 6 1_555 A DT 4 1_555 B A 5 1_555 -0.037 -1.050 2.927 0.180  4.151  36.173 -2.187 0.082  2.793 6.658  -0.289 
36.403 3 AA_DG3DT4:A13C14_BB A 3 ? B 14 ? A 4 ? B 13 ? 
1 A DT 4 1_555 B A 5 1_555 A DC 5 1_555 B G 4 1_555 -0.039 -1.549 3.131 -2.931 11.343 28.119 -4.929 -0.436 2.337 22.169 5.727  
30.416 4 AA_DT4DC5:G12A13_BB A 4 ? B 13 ? A 5 ? B 12 ? 
1 A DC 5 1_555 B G 4 1_555 A DA 6 1_555 B U 3 1_555 -0.457 -0.952 3.178 -2.214 10.783 34.846 -2.917 0.444  2.793 17.475 3.588  
36.492 5 AA_DC5DA6:U11G12_BB A 5 ? B 12 ? A 6 ? B 11 ? 
1 A DA 6 1_555 B U 3 1_555 A DG 7 1_555 B C 2 1_555 -0.055 -1.229 3.085 -5.353 4.532  32.664 -2.830 -0.721 2.867 7.945  9.383  
33.388 6 AA_DA6DG7:C10U11_BB A 6 ? B 11 ? A 7 ? B 10 ? 
1 A DG 7 1_555 B C 2 1_555 A DG 8 1_555 B C 1 1_555 0.064  -1.241 3.488 -0.313 6.550  37.547 -2.760 -0.139 3.234 10.082 0.482  
38.095 7 AA_DG7DG8:C9C10_BB  A 7 ? B 10 ? A 8 ? B 9  ? 
# 
loop_
_pdbx_nmr_spectrometer.spectrometer_id 
_pdbx_nmr_spectrometer.model 
_pdbx_nmr_spectrometer.manufacturer 
_pdbx_nmr_spectrometer.field_strength 
1 AMX600 Bruker 600 
2 DMX600 Bruker 500 
3 AMX500 Bruker 500 
# 
_atom_sites.entry_id                    8DRH 
_atom_sites.fract_transf_matrix[1][1]   1.000000 
_atom_sites.fract_transf_matrix[1][2]   0.000000 
_atom_sites.fract_transf_matrix[1][3]   0.000000 
_atom_sites.fract_transf_matrix[2][1]   0.000000 
_atom_sites.fract_transf_matrix[2][2]   1.000000 
_atom_sites.fract_transf_matrix[2][3]   0.000000 
_atom_sites.fract_transf_matrix[3][1]   0.000000 
_atom_sites.fract_transf_matrix[3][2]   0.000000 
_atom_sites.fract_transf_matrix[3][3]   1.000000 
_atom_sites.fract_transf_vector[1]      0.00000 
_atom_sites.fract_transf_vector[2]      0.00000 
_atom_sites.fract_transf_vector[3]      0.00000 
# 
loop_
_atom_type.symbol 
C 
N 
O 
P 
# 
loop_
_atom_site.group_PDB 
_atom_site.id 
_atom_site.type_symbol 
_atom_site.label_atom_id 
_atom_site.label_alt_id 
_atom_site.label_comp_id 
_atom_site.label_asym_id 
_atom_site.label_entity_id 
_atom_site.label_seq_id 
_atom_site.pdbx_PDB_ins_code 
_atom_site.Cartn_x 
_atom_site.Cartn_y 
_atom_site.Cartn_z 
_atom_site.occupancy 
_atom_site.B_iso_or_equiv 
_atom_site.pdbx_formal_charge 
_atom_site.auth_seq_id 
_atom_site.auth_comp_id 
_atom_site.auth_asym_id 
_atom_site.auth_atom_id 
_atom_site.pdbx_PDB_model_num 
ATOM 1   O "O5'" . DG A 1 1 ? -8.824  -10.390 -4.850  1.00 0.00 ? 1  DG A "O5'" 1 
ATOM 2   C "C5'" . DG A 1 1 ? -8.519  -9.936  -6.150  1.00 0.00 ? 1  DG A "C5'" 1 
ATOM 3   C "C4'" . DG A 1 1 ? -8.465  -8.402  -6.201  1.00 0.00 ? 1  DG A "C4'" 1 
ATOM 4   O "O4'" . DG A 1 1 ? -9.005  -7.772  -5.051  1.00 0.00 ? 1  DG A "O4'" 1 
ATOM 5   C "C3'" . DG A 1 1 ? -7.041  -7.860  -6.375  1.00 0.00 ? 1  DG A "C3'" 1 
ATOM 6   O "O3'" . DG A 1 1 ? -6.883  -7.492  -7.736  1.00 0.00 ? 1  DG A "O3'" 1 
ATOM 7   C "C2'" . DG A 1 1 ? -7.006  -6.684  -5.399  1.00 0.00 ? 1  DG A "C2'" 1 
ATOM 8   C "C1'" . DG A 1 1 ? -8.471  -6.464  -5.039  1.00 0.00 ? 1  DG A "C1'" 1 
ATOM 9   N N9    . DG A 1 1 ? -8.621  -5.809  -3.718  1.00 0.00 ? 1  DG A N9    1 
ATOM 10  C C8    . DG A 1 1 ? -8.334  -6.315  -2.475  1.00 0.00 ? 1  DG A C8    1 
ATOM 11  N N7    . DG A 1 1 ? -8.557  -5.486  -1.494  1.00 0.00 ? 1  DG A N7    1 
ATOM 12  C C5    . DG A 1 1 ? -9.032  -4.343  -2.125  1.00 0.00 ? 1  DG A C5    1 
ATOM 13  C C6    . DG A 1 1 ? -9.445  -3.093  -1.570  1.00 0.00 ? 1  DG A C6    1 
ATOM 14  O O6    . DG A 1 1 ? -9.462  -2.762  -0.386  1.00 0.00 ? 1  DG A O6    1 
ATOM 15  N N1    . DG A 1 1 ? -9.864  -2.189  -2.543  1.00 0.00 ? 1  DG A N1    1 
ATOM 16  C C2    . DG A 1 1 ? -9.872  -2.456  -3.901  1.00 0.00 ? 1  DG A C2    1 
ATOM 17  N N2    . DG A 1 1 ? -10.290 -1.481  -4.714  1.00 0.00 ? 1  DG A N2    1 
ATOM 18  N N3    . DG A 1 1 ? -9.472  -3.626  -4.426  1.00 0.00 ? 1  DG A N3    1 
ATOM 19  C C4    . DG A 1 1 ? -9.071  -4.527  -3.489  1.00 0.00 ? 1  DG A C4    1 
ATOM 20  P P     . DC A 1 2 ? -5.506  -6.903  -8.345  1.00 0.00 ? 2  DC A P     1 
ATOM 21  O OP1   . DC A 1 2 ? -5.356  -7.422  -9.722  1.00 0.00 ? 2  DC A OP1   1 
ATOM 22  O OP2   . DC A 1 2 ? -4.421  -7.109  -7.358  1.00 0.00 ? 2  DC A OP2   1 
ATOM 23  O "O5'" . DC A 1 2 ? -5.815  -5.323  -8.430  1.00 0.00 ? 2  DC A "O5'" 1 
ATOM 24  C "C5'" . DC A 1 2 ? -6.788  -4.808  -9.321  1.00 0.00 ? 2  DC A "C5'" 1 
ATOM 25  C "C4'" . DC A 1 2 ? -6.911  -3.294  -9.131  1.00 0.00 ? 2  DC A "C4'" 1 
ATOM 26  O "O4'" . DC A 1 2 ? -7.323  -3.043  -7.798  1.00 0.00 ? 2  DC A "O4'" 1 
ATOM 27  C "C3'" . DC A 1 2 ? -5.572  -2.579  -9.369  1.00 0.00 ? 2  DC A "C3'" 1 
ATOM 28  O "O3'" . DC A 1 2 ? -5.723  -1.529  -10.314 1.00 0.00 ? 2  DC A "O3'" 1 
ATOM 29  C "C2'" . DC A 1 2 ? -5.215  -2.059  -7.982  1.00 0.00 ? 2  DC A "C2'" 1 
ATOM 30  C "C1'" . DC A 1 2 ? -6.571  -1.966  -7.279  1.00 0.00 ? 2  DC A "C1'" 1 
ATOM 31  N N1    . DC A 1 2 ? -6.455  -2.115  -5.800  1.00 0.00 ? 2  DC A N1    1 
ATOM 32  C C2    . DC A 1 2 ? -6.971  -1.129  -4.954  1.00 0.00 ? 2  DC A C2    1 
ATOM 33  O O2    . DC A 1 2 ? -7.491  -0.112  -5.406  1.00 0.00 ? 2  DC A O2    1 
ATOM 34  N N3    . DC A 1 2 ? -6.875  -1.312  -3.604  1.00 0.00 ? 2  DC A N3    1 
ATOM 35  C C4    . DC A 1 2 ? -6.308  -2.416  -3.089  1.00 0.00 ? 2  DC A C4    1 
ATOM 36  N N4    . DC A 1 2 ? -6.197  -2.542  -1.765  1.00 0.00 ? 2  DC A N4    1 
ATOM 37  C C5    . DC A 1 2 ? -5.809  -3.457  -3.937  1.00 0.00 ? 2  DC A C5    1 
ATOM 38  C C6    . DC A 1 2 ? -5.895  -3.250  -5.270  1.00 0.00 ? 2  DC A C6    1 
ATOM 39  P P     . DG A 1 3 ? -4.454  -0.684  -10.869 1.00 0.00 ? 3  DG A P     1 
ATOM 40  O OP1   . DG A 1 3 ? -4.792  -0.182  -12.220 1.00 0.00 ? 3  DG A OP1   1 
ATOM 41  O OP2   . DG A 1 3 ? -3.230  -1.493  -10.675 1.00 0.00 ? 3  DG A OP2   1 
ATOM 42  O "O5'" . DG A 1 3 ? -4.372  0.581   -9.867  1.00 0.00 ? 3  DG A "O5'" 1 
ATOM 43  C "C5'" . DG A 1 3 ? -5.157  1.742   -10.063 1.00 0.00 ? 3  DG A "C5'" 1 
ATOM 44  C "C4'" . DG A 1 3 ? -5.032  2.676   -8.853  1.00 0.00 ? 3  DG A "C4'" 1 
ATOM 45  O "O4'" . DG A 1 3 ? -5.524  2.035   -7.692  1.00 0.00 ? 3  DG A "O4'" 1 
ATOM 46  C "C3'" . DG A 1 3 ? -3.596  3.063   -8.497  1.00 0.00 ? 3  DG A "C3'" 1 
ATOM 47  O "O3'" . DG A 1 3 ? -3.106  4.155   -9.260  1.00 0.00 ? 3  DG A "O3'" 1 
ATOM 48  C "C2'" . DG A 1 3 ? -3.745  3.429   -7.026  1.00 0.00 ? 3  DG A "C2'" 1 
ATOM 49  C "C1'" . DG A 1 3 ? -5.042  2.760   -6.577  1.00 0.00 ? 3  DG A "C1'" 1 
ATOM 50  N N9    . DG A 1 3 ? -4.774  1.862   -5.434  1.00 0.00 ? 3  DG A N9    1 
ATOM 51  C C8    . DG A 1 3 ? -4.306  0.575   -5.454  1.00 0.00 ? 3  DG A C8    1 
ATOM 52  N N7    . DG A 1 3 ? -4.120  0.050   -4.278  1.00 0.00 ? 3  DG A N7    1 
ATOM 53  C C5    . DG A 1 3 ? -4.465  1.075   -3.408  1.00 0.00 ? 3  DG A C5    1 
ATOM 54  C C6    . DG A 1 3 ? -4.419  1.113   -1.984  1.00 0.00 ? 3  DG A C6    1 
ATOM 55  O O6    . DG A 1 3 ? -4.162  0.193   -1.212  1.00 0.00 ? 3  DG A O6    1 
ATOM 56  N N1    . DG A 1 3 ? -4.685  2.384   -1.483  1.00 0.00 ? 3  DG A N1    1 
ATOM 57  C C2    . DG A 1 3 ? -4.995  3.486   -2.260  1.00 0.00 ? 3  DG A C2    1 
ATOM 58  N N2    . DG A 1 3 ? -5.187  4.645   -1.625  1.00 0.00 ? 3  DG A N2    1 
ATOM 59  N N3    . DG A 1 3 ? -5.083  3.440   -3.598  1.00 0.00 ? 3  DG A N3    1 
ATOM 60  C C4    . DG A 1 3 ? -4.804  2.209   -4.107  1.00 0.00 ? 3  DG A C4    1 
ATOM 61  P P     . DT A 1 4 ? -1.567  4.660   -9.143  1.00 0.00 ? 4  DT A P     1 
ATOM 62  O OP1   . DT A 1 4 ? -1.364  5.737   -10.138 1.00 0.00 ? 4  DT A OP1   1 
ATOM 63  O OP2   . DT A 1 4 ? -0.693  3.465   -9.179  1.00 0.00 ? 4  DT A OP2   1 
ATOM 64  O "O5'" . DT A 1 4 ? -1.440  5.312   -7.667  1.00 0.00 ? 4  DT A "O5'" 1 
ATOM 65  C "C5'" . DT A 1 4 ? -1.981  6.584   -7.344  1.00 0.00 ? 4  DT A "C5'" 1 
ATOM 66  C "C4'" . DT A 1 4 ? -1.817  6.841   -5.839  1.00 0.00 ? 4  DT A "C4'" 1 
ATOM 67  O "O4'" . DT A 1 4 ? -2.344  5.741   -5.122  1.00 0.00 ? 4  DT A "O4'" 1 
ATOM 68  C "C3'" . DT A 1 4 ? -0.351  6.983   -5.414  1.00 0.00 ? 4  DT A "C3'" 1 
ATOM 69  O "O3'" . DT A 1 4 ? 0.027   8.344   -5.275  1.00 0.00 ? 4  DT A "O3'" 1 
ATOM 70  C "C2'" . DT A 1 4 ? -0.289  6.237   -4.085  1.00 0.00 ? 4  DT A "C2'" 1 
ATOM 71  C "C1'" . DT A 1 4 ? -1.682  5.648   -3.878  1.00 0.00 ? 4  DT A "C1'" 1 
ATOM 72  N N1    . DT A 1 4 ? -1.563  4.227   -3.458  1.00 0.00 ? 4  DT A N1    1 
ATOM 73  C C2    . DT A 1 4 ? -1.675  3.909   -2.106  1.00 0.00 ? 4  DT A C2    1 
ATOM 74  O O2    . DT A 1 4 ? -1.872  4.749   -1.231  1.00 0.00 ? 4  DT A O2    1 
ATOM 75  N N3    . DT A 1 4 ? -1.539  2.567   -1.784  1.00 0.00 ? 4  DT A N3    1 
ATOM 76  C C4    . DT A 1 4 ? -1.279  1.533   -2.675  1.00 0.00 ? 4  DT A C4    1 
ATOM 77  O O4    . DT A 1 4 ? -1.221  0.373   -2.275  1.00 0.00 ? 4  DT A O4    1 
ATOM 78  C C5    . DT A 1 4 ? -1.085  1.963   -4.047  1.00 0.00 ? 4  DT A C5    1 
ATOM 79  C C7    . DT A 1 4 ? -0.725  0.952   -5.121  1.00 0.00 ? 4  DT A C7    1 
ATOM 80  C C6    . DT A 1 4 ? -1.226  3.267   -4.382  1.00 0.00 ? 4  DT A C6    1 
ATOM 81  P P     . DC A 1 5 ? 1.572   8.797   -5.067  1.00 0.00 ? 5  DC A P     1 
ATOM 82  O OP1   . DC A 1 5 ? 1.631   10.271  -5.193  1.00 0.00 ? 5  DC A OP1   1 
ATOM 83  O OP2   . DC A 1 5 ? 2.416   7.960   -5.948  1.00 0.00 ? 5  DC A OP2   1 
ATOM 84  O "O5'" . DC A 1 5 ? 1.930   8.413   -3.536  1.00 0.00 ? 5  DC A "O5'" 1 
ATOM 85  C "C5'" . DC A 1 5 ? 1.523   9.218   -2.441  1.00 0.00 ? 5  DC A "C5'" 1 
ATOM 86  C "C4'" . DC A 1 5 ? 1.901   8.538   -1.119  1.00 0.00 ? 5  DC A "C4'" 1 
ATOM 87  O "O4'" . DC A 1 5 ? 1.290   7.265   -1.052  1.00 0.00 ? 5  DC A "O4'" 1 
ATOM 88  C "C3'" . DC A 1 5 ? 3.411   8.310   -0.945  1.00 0.00 ? 5  DC A "C3'" 1 
ATOM 89  O "O3'" . DC A 1 5 ? 3.976   9.273   -0.067  1.00 0.00 ? 5  DC A "O3'" 1 
ATOM 90  C "C2'" . DC A 1 5 ? 3.491   6.890   -0.385  1.00 0.00 ? 5  DC A "C2'" 1 
ATOM 91  C "C1'" . DC A 1 5 ? 2.041   6.482   -0.150  1.00 0.00 ? 5  DC A "C1'" 1 
ATOM 92  N N1    . DC A 1 5 ? 1.868   5.031   -0.424  1.00 0.00 ? 5  DC A N1    1 
ATOM 93  C C2    . DC A 1 5 ? 1.844   4.134   0.645   1.00 0.00 ? 5  DC A C2    1 
ATOM 94  O O2    . DC A 1 5 ? 1.943   4.527   1.805   1.00 0.00 ? 5  DC A O2    1 
ATOM 95  N N3    . DC A 1 5 ? 1.714   2.801   0.375   1.00 0.00 ? 5  DC A N3    1 
ATOM 96  C C4    . DC A 1 5 ? 1.638   2.358   -0.890  1.00 0.00 ? 5  DC A C4    1 
ATOM 97  N N4    . DC A 1 5 ? 1.493   1.049   -1.116  1.00 0.00 ? 5  DC A N4    1 
ATOM 98  C C5    . DC A 1 5 ? 1.727   3.257   -2.004  1.00 0.00 ? 5  DC A C5    1 
ATOM 99  C C6    . DC A 1 5 ? 1.844   4.574   -1.717  1.00 0.00 ? 5  DC A C6    1 
ATOM 100 P P     . DA A 1 6 ? 5.572   9.355   0.218   1.00 0.00 ? 6  DA A P     1 
ATOM 101 O OP1   . DA A 1 6 ? 5.864   10.693  0.779   1.00 0.00 ? 6  DA A OP1   1 
ATOM 102 O OP2   . DA A 1 6 ? 6.287   8.903   -0.997  1.00 0.00 ? 6  DA A OP2   1 
ATOM 103 O "O5'" . DA A 1 6 ? 5.836   8.262   1.380   1.00 0.00 ? 6  DA A "O5'" 1 
ATOM 104 C "C5'" . DA A 1 6 ? 5.335   8.433   2.693   1.00 0.00 ? 6  DA A "C5'" 1 
ATOM 105 C "C4'" . DA A 1 6 ? 5.729   7.244   3.578   1.00 0.00 ? 6  DA A "C4'" 1 
ATOM 106 O "O4'" . DA A 1 6 ? 5.115   6.062   3.089   1.00 0.00 ? 6  DA A "O4'" 1 
ATOM 107 C "C3'" . DA A 1 6 ? 7.247   7.011   3.600   1.00 0.00 ? 6  DA A "C3'" 1 
ATOM 108 O "O3'" . DA A 1 6 ? 7.675   6.835   4.943   1.00 0.00 ? 6  DA A "O3'" 1 
ATOM 109 C "C2'" . DA A 1 6 ? 7.391   5.737   2.773   1.00 0.00 ? 6  DA A "C2'" 1 
ATOM 110 C "C1'" . DA A 1 6 ? 6.076   5.026   3.074   1.00 0.00 ? 6  DA A "C1'" 1 
ATOM 111 N N9    . DA A 1 6 ? 5.726   4.034   2.032   1.00 0.00 ? 6  DA A N9    1 
ATOM 112 C C8    . DA A 1 6 ? 5.517   4.253   0.692   1.00 0.00 ? 6  DA A C8    1 
ATOM 113 N N7    . DA A 1 6 ? 5.137   3.201   0.026   1.00 0.00 ? 6  DA A N7    1 
ATOM 114 C C5    . DA A 1 6 ? 5.120   2.198   0.987   1.00 0.00 ? 6  DA A C5    1 
ATOM 115 C C6    . DA A 1 6 ? 4.831   0.822   0.925   1.00 0.00 ? 6  DA A C6    1 
ATOM 116 N N6    . DA A 1 6 ? 4.460   0.217   -0.208  1.00 0.00 ? 6  DA A N6    1 
ATOM 117 N N1    . DA A 1 6 ? 4.952   0.089   2.049   1.00 0.00 ? 6  DA A N1    1 
ATOM 118 C C2    . DA A 1 6 ? 5.327   0.692   3.175   1.00 0.00 ? 6  DA A C2    1 
ATOM 119 N N3    . DA A 1 6 ? 5.614   1.977   3.368   1.00 0.00 ? 6  DA A N3    1 
ATOM 120 C C4    . DA A 1 6 ? 5.493   2.690   2.214   1.00 0.00 ? 6  DA A C4    1 
ATOM 121 P P     . DG A 1 7 ? 9.231   6.624   5.339   1.00 0.00 ? 7  DG A P     1 
ATOM 122 O OP1   . DG A 1 7 ? 9.452   7.226   6.673   1.00 0.00 ? 7  DG A OP1   1 
ATOM 123 O OP2   . DG A 1 7 ? 10.070  7.049   4.196   1.00 0.00 ? 7  DG A OP2   1 
ATOM 124 O "O5'" . DG A 1 7 ? 9.358   5.023   5.481   1.00 0.00 ? 7  DG A "O5'" 1 
ATOM 125 C "C5'" . DG A 1 7 ? 8.811   4.334   6.590   1.00 0.00 ? 7  DG A "C5'" 1 
ATOM 126 C "C4'" . DG A 1 7 ? 9.113   2.839   6.476   1.00 0.00 ? 7  DG A "C4'" 1 
ATOM 127 O "O4'" . DG A 1 7 ? 8.462   2.316   5.332   1.00 0.00 ? 7  DG A "O4'" 1 
ATOM 128 C "C3'" . DG A 1 7 ? 10.619  2.553   6.331   1.00 0.00 ? 7  DG A "C3'" 1 
ATOM 129 O "O3'" . DG A 1 7 ? 10.996  1.577   7.291   1.00 0.00 ? 7  DG A "O3'" 1 
ATOM 130 C "C2'" . DG A 1 7 ? 10.717  2.042   4.894   1.00 0.00 ? 7  DG A "C2'" 1 
ATOM 131 C "C1'" . DG A 1 7 ? 9.345   1.407   4.714   1.00 0.00 ? 7  DG A "C1'" 1 
ATOM 132 N N9    . DG A 1 7 ? 8.977   1.225   3.292   1.00 0.00 ? 7  DG A N9    1 
ATOM 133 C C8    . DG A 1 7 ? 8.894   2.161   2.292   1.00 0.00 ? 7  DG A C8    1 
ATOM 134 N N7    . DG A 1 7 ? 8.476   1.690   1.151   1.00 0.00 ? 7  DG A N7    1 
ATOM 135 C C5    . DG A 1 7 ? 8.282   0.337   1.402   1.00 0.00 ? 7  DG A C5    1 
ATOM 136 C C6    . DG A 1 7 ? 7.857   -0.709  0.530   1.00 0.00 ? 7  DG A C6    1 
ATOM 137 O O6    . DG A 1 7 ? 7.532   -0.629  -0.652  1.00 0.00 ? 7  DG A O6    1 
ATOM 138 N N1    . DG A 1 7 ? 7.842   -1.949  1.164   1.00 0.00 ? 7  DG A N1    1 
ATOM 139 C C2    . DG A 1 7 ? 8.182   -2.158  2.488   1.00 0.00 ? 7  DG A C2    1 
ATOM 140 N N2    . DG A 1 7 ? 8.176   -3.415  2.938   1.00 0.00 ? 7  DG A N2    1 
ATOM 141 N N3    . DG A 1 7 ? 8.562   -1.173  3.311   1.00 0.00 ? 7  DG A N3    1 
ATOM 142 C C4    . DG A 1 7 ? 8.596   0.044   2.707   1.00 0.00 ? 7  DG A C4    1 
ATOM 143 P P     . DG A 1 8 ? 12.525  1.076   7.469   1.00 0.00 ? 8  DG A P     1 
ATOM 144 O OP1   . DG A 1 8 ? 12.710  0.649   8.875   1.00 0.00 ? 8  DG A OP1   1 
ATOM 145 O OP2   . DG A 1 8 ? 13.428  2.092   6.886   1.00 0.00 ? 8  DG A OP2   1 
ATOM 146 O "O5'" . DG A 1 8 ? 12.579  -0.237  6.534   1.00 0.00 ? 8  DG A "O5'" 1 
ATOM 147 C "C5'" . DG A 1 8 ? 11.956  -1.446  6.925   1.00 0.00 ? 8  DG A "C5'" 1 
ATOM 148 C "C4'" . DG A 1 8 ? 12.045  -2.463  5.787   1.00 0.00 ? 8  DG A "C4'" 1 
ATOM 149 O "O4'" . DG A 1 8 ? 11.392  -1.963  4.639   1.00 0.00 ? 8  DG A "O4'" 1 
ATOM 150 C "C3'" . DG A 1 8 ? 13.484  -2.791  5.362   1.00 0.00 ? 8  DG A "C3'" 1 
ATOM 151 O "O3'" . DG A 1 8 ? 13.853  -4.078  5.807   1.00 0.00 ? 8  DG A "O3'" 1 
ATOM 152 C "C2'" . DG A 1 8 ? 13.433  -2.734  3.835   1.00 0.00 ? 8  DG A "C2'" 1 
ATOM 153 C "C1'" . DG A 1 8 ? 11.934  -2.663  3.543   1.00 0.00 ? 8  DG A "C1'" 1 
ATOM 154 N N9    . DG A 1 8 ? 11.656  -1.942  2.284   1.00 0.00 ? 8  DG A N9    1 
ATOM 155 C C8    . DG A 1 8 ? 11.766  -0.599  2.022   1.00 0.00 ? 8  DG A C8    1 
ATOM 156 N N7    . DG A 1 8 ? 11.441  -0.266  0.806   1.00 0.00 ? 8  DG A N7    1 
ATOM 157 C C5    . DG A 1 8 ? 11.094  -1.473  0.211   1.00 0.00 ? 8  DG A C5    1 
ATOM 158 C C6    . DG A 1 8 ? 10.649  -1.749  -1.115  1.00 0.00 ? 8  DG A C6    1 
ATOM 159 O O6    . DG A 1 8 ? 10.463  -0.954  -2.033  1.00 0.00 ? 8  DG A O6    1 
ATOM 160 N N1    . DG A 1 8 ? 10.416  -3.106  -1.324  1.00 0.00 ? 8  DG A N1    1 
ATOM 161 C C2    . DG A 1 8 ? 10.589  -4.089  -0.368  1.00 0.00 ? 8  DG A C2    1 
ATOM 162 N N2    . DG A 1 8 ? 10.368  -5.352  -0.745  1.00 0.00 ? 8  DG A N2    1 
ATOM 163 N N3    . DG A 1 8 ? 10.995  -3.829  0.884   1.00 0.00 ? 8  DG A N3    1 
ATOM 164 C C4    . DG A 1 8 ? 11.230  -2.507  1.108   1.00 0.00 ? 8  DG A C4    1 
ATOM 165 O "O5'" . C  B 2 1 ? 6.099   -7.949  -9.422  1.00 0.00 ? 9  C  B "O5'" 1 
ATOM 166 C "C5'" . C  B 2 1 ? 5.791   -7.662  -8.076  1.00 0.00 ? 9  C  B "C5'" 1 
ATOM 167 C "C4'" . C  B 2 1 ? 6.933   -8.107  -7.158  1.00 0.00 ? 9  C  B "C4'" 1 
ATOM 168 O "O4'" . C  B 2 1 ? 8.014   -7.190  -7.153  1.00 0.00 ? 9  C  B "O4'" 1 
ATOM 169 C "C3'" . C  B 2 1 ? 6.448   -8.206  -5.718  1.00 0.00 ? 9  C  B "C3'" 1 
ATOM 170 O "O3'" . C  B 2 1 ? 5.782   -9.445  -5.529  1.00 0.00 ? 9  C  B "O3'" 1 
ATOM 171 C "C2'" . C  B 2 1 ? 7.773   -8.100  -4.974  1.00 0.00 ? 9  C  B "C2'" 1 
ATOM 172 O "O2'" . C  B 2 1 ? 8.453   -9.338  -4.986  1.00 0.00 ? 9  C  B "O2'" 1 
ATOM 173 C "C1'" . C  B 2 1 ? 8.528   -7.072  -5.829  1.00 0.00 ? 9  C  B "C1'" 1 
ATOM 174 N N1    . C  B 2 1 ? 8.366   -5.684  -5.295  1.00 0.00 ? 9  C  B N1    1 
ATOM 175 C C2    . C  B 2 1 ? 9.080   -5.345  -4.141  1.00 0.00 ? 9  C  B C2    1 
ATOM 176 O O2    . C  B 2 1 ? 9.715   -6.193  -3.518  1.00 0.00 ? 9  C  B O2    1 
ATOM 177 N N3    . C  B 2 1 ? 9.062   -4.050  -3.716  1.00 0.00 ? 9  C  B N3    1 
ATOM 178 C C4    . C  B 2 1 ? 8.368   -3.109  -4.372  1.00 0.00 ? 9  C  B C4    1 
ATOM 179 N N4    . C  B 2 1 ? 8.415   -1.845  -3.938  1.00 0.00 ? 9  C  B N4    1 
ATOM 180 C C5    . C  B 2 1 ? 7.587   -3.440  -5.530  1.00 0.00 ? 9  C  B C5    1 
ATOM 181 C C6    . C  B 2 1 ? 7.621   -4.728  -5.950  1.00 0.00 ? 9  C  B C6    1 
ATOM 182 P P     . C  B 2 2 ? 4.528   -9.609  -4.528  1.00 0.00 ? 10 C  B P     1 
ATOM 183 O OP1   . C  B 2 2 ? 4.040   -11.003 -4.625  1.00 0.00 ? 10 C  B OP1   1 
ATOM 184 O OP2   . C  B 2 2 ? 3.594   -8.486  -4.766  1.00 0.00 ? 10 C  B OP2   1 
ATOM 185 O "O5'" . C  B 2 2 ? 5.191   -9.406  -3.079  1.00 0.00 ? 10 C  B "O5'" 1 
ATOM 186 C "C5'" . C  B 2 2 ? 6.006   -10.389 -2.475  1.00 0.00 ? 10 C  B "C5'" 1 
ATOM 187 C "C4'" . C  B 2 2 ? 6.640   -9.788  -1.219  1.00 0.00 ? 10 C  B "C4'" 1 
ATOM 188 O "O4'" . C  B 2 2 ? 7.433   -8.667  -1.563  1.00 0.00 ? 10 C  B "O4'" 1 
ATOM 189 C "C3'" . C  B 2 2 ? 5.608   -9.273  -0.217  1.00 0.00 ? 10 C  B "C3'" 1 
ATOM 190 O "O3'" . C  B 2 2 ? 5.067   -10.319 0.572   1.00 0.00 ? 10 C  B "O3'" 1 
ATOM 191 C "C2'" . C  B 2 2 ? 6.469   -8.299  0.577   1.00 0.00 ? 10 C  B "C2'" 1 
ATOM 192 O "O2'" . C  B 2 2 ? 7.241   -8.984  1.543   1.00 0.00 ? 10 C  B "O2'" 1 
ATOM 193 C "C1'" . C  B 2 2 ? 7.389   -7.723  -0.506  1.00 0.00 ? 10 C  B "C1'" 1 
ATOM 194 N N1    . C  B 2 2 ? 6.908   -6.386  -0.964  1.00 0.00 ? 10 C  B N1    1 
ATOM 195 C C2    . C  B 2 2 ? 7.207   -5.293  -0.154  1.00 0.00 ? 10 C  B C2    1 
ATOM 196 O O2    . C  B 2 2 ? 7.751   -5.453  0.935   1.00 0.00 ? 10 C  B O2    1 
ATOM 197 N N3    . C  B 2 2 ? 6.880   -4.044  -0.590  1.00 0.00 ? 10 C  B N3    1 
ATOM 198 C C4    . C  B 2 2 ? 6.252   -3.857  -1.758  1.00 0.00 ? 10 C  B C4    1 
ATOM 199 N N4    . C  B 2 2 ? 5.968   -2.608  -2.142  1.00 0.00 ? 10 C  B N4    1 
ATOM 200 C C5    . C  B 2 2 ? 5.865   -4.970  -2.576  1.00 0.00 ? 10 C  B C5    1 
ATOM 201 C C6    . C  B 2 2 ? 6.211   -6.204  -2.137  1.00 0.00 ? 10 C  B C6    1 
ATOM 202 P P     . U  B 2 3 ? 3.667   -10.162 1.367   1.00 0.00 ? 11 U  B P     1 
ATOM 203 O OP1   . U  B 2 3 ? 3.412   -11.430 2.087   1.00 0.00 ? 11 U  B OP1   1 
ATOM 204 O OP2   . U  B 2 3 ? 2.658   -9.651  0.412   1.00 0.00 ? 11 U  B OP2   1 
ATOM 205 O "O5'" . U  B 2 3 ? 3.944   -9.007  2.463   1.00 0.00 ? 11 U  B "O5'" 1 
ATOM 206 C "C5'" . U  B 2 3 ? 4.567   -9.287  3.700   1.00 0.00 ? 11 U  B "C5'" 1 
ATOM 207 C "C4'" . U  B 2 3 ? 4.861   -7.993  4.466   1.00 0.00 ? 11 U  B "C4'" 1 
ATOM 208 O "O4'" . U  B 2 3 ? 5.624   -7.087  3.684   1.00 0.00 ? 11 U  B "O4'" 1 
ATOM 209 C "C3'" . U  B 2 3 ? 3.622   -7.213  4.901   1.00 0.00 ? 11 U  B "C3'" 1 
ATOM 210 O "O3'" . U  B 2 3 ? 2.979   -7.783  6.029   1.00 0.00 ? 11 U  B "O3'" 1 
ATOM 211 C "C2'" . U  B 2 3 ? 4.288   -5.877  5.216   1.00 0.00 ? 11 U  B "C2'" 1 
ATOM 212 O "O2'" . U  B 2 3 ? 4.948   -5.934  6.466   1.00 0.00 ? 11 U  B "O2'" 1 
ATOM 213 C "C1'" . U  B 2 3 ? 5.324   -5.758  4.096   1.00 0.00 ? 11 U  B "C1'" 1 
ATOM 214 N N1    . U  B 2 3 ? 4.791   -4.930  2.974   1.00 0.00 ? 11 U  B N1    1 
ATOM 215 C C2    . U  B 2 3 ? 4.933   -3.544  3.062   1.00 0.00 ? 11 U  B C2    1 
ATOM 216 O O2    . U  B 2 3 ? 5.371   -2.980  4.062   1.00 0.00 ? 11 U  B O2    1 
ATOM 217 N N3    . U  B 2 3 ? 4.538   -2.812  1.950   1.00 0.00 ? 11 U  B N3    1 
ATOM 218 C C4    . U  B 2 3 ? 3.945   -3.326  0.805   1.00 0.00 ? 11 U  B C4    1 
ATOM 219 O O4    . U  B 2 3 ? 3.636   -2.588  -0.124  1.00 0.00 ? 11 U  B O4    1 
ATOM 220 C C5    . U  B 2 3 ? 3.740   -4.757  0.838   1.00 0.00 ? 11 U  B C5    1 
ATOM 221 C C6    . U  B 2 3 ? 4.154   -5.496  1.893   1.00 0.00 ? 11 U  B C6    1 
ATOM 222 P P     . G  B 2 4 ? 1.469   -7.378  6.461   1.00 0.00 ? 12 G  B P     1 
ATOM 223 O OP1   . G  B 2 4 ? 1.139   -8.114  7.701   1.00 0.00 ? 12 G  B OP1   1 
ATOM 224 O OP2   . G  B 2 4 ? 0.602   -7.531  5.271   1.00 0.00 ? 12 G  B OP2   1 
ATOM 225 O "O5'" . G  B 2 4 ? 1.539   -5.803  6.816   1.00 0.00 ? 12 G  B "O5'" 1 
ATOM 226 C "C5'" . G  B 2 4 ? 1.998   -5.328  8.067   1.00 0.00 ? 12 G  B "C5'" 1 
ATOM 227 C "C4'" . G  B 2 4 ? 2.130   -3.801  8.032   1.00 0.00 ? 12 G  B "C4'" 1 
ATOM 228 O "O4'" . G  B 2 4 ? 2.988   -3.398  6.976   1.00 0.00 ? 12 G  B "O4'" 1 
ATOM 229 C "C3'" . G  B 2 4 ? 0.817   -3.048  7.808   1.00 0.00 ? 12 G  B "C3'" 1 
ATOM 230 O "O3'" . G  B 2 4 ? 0.034   -2.934  8.985   1.00 0.00 ? 12 G  B "O3'" 1 
ATOM 231 C "C2'" . G  B 2 4 ? 1.378   -1.707  7.348   1.00 0.00 ? 12 G  B "C2'" 1 
ATOM 232 O "O2'" . G  B 2 4 ? 1.879   -0.967  8.442   1.00 0.00 ? 12 G  B "O2'" 1 
ATOM 233 C "C1'" . G  B 2 4 ? 2.548   -2.148  6.469   1.00 0.00 ? 12 G  B "C1'" 1 
ATOM 234 N N9    . G  B 2 4 ? 2.104   -2.254  5.059   1.00 0.00 ? 12 G  B N9    1 
ATOM 235 C C8    . G  B 2 4 ? 1.655   -3.343  4.349   1.00 0.00 ? 12 G  B C8    1 
ATOM 236 N N7    . G  B 2 4 ? 1.370   -3.093  3.104   1.00 0.00 ? 12 G  B N7    1 
ATOM 237 C C5    . G  B 2 4 ? 1.608   -1.730  2.979   1.00 0.00 ? 12 G  B C5    1 
ATOM 238 C C6    . G  B 2 4 ? 1.442   -0.870  1.855   1.00 0.00 ? 12 G  B C6    1 
ATOM 239 O O6    . G  B 2 4 ? 1.096   -1.175  0.717   1.00 0.00 ? 12 G  B O6    1 
ATOM 240 N N1    . G  B 2 4 ? 1.710   0.463   2.162   1.00 0.00 ? 12 G  B N1    1 
ATOM 241 C C2    . G  B 2 4 ? 2.096   0.913   3.411   1.00 0.00 ? 12 G  B C2    1 
ATOM 242 N N2    . G  B 2 4 ? 2.291   2.227   3.549   1.00 0.00 ? 12 G  B N2    1 
ATOM 243 N N3    . G  B 2 4 ? 2.277   0.103   4.464   1.00 0.00 ? 12 G  B N3    1 
ATOM 244 C C4    . G  B 2 4 ? 2.019   -1.203  4.181   1.00 0.00 ? 12 G  B C4    1 
ATOM 245 P P     . A  B 2 5 ? -1.509  -2.441  8.947   1.00 0.00 ? 13 A  B P     1 
ATOM 246 O OP1   . A  B 2 5 ? -2.007  -2.407  10.341  1.00 0.00 ? 13 A  B OP1   1 
ATOM 247 O OP2   . A  B 2 5 ? -2.222  -3.260  7.941   1.00 0.00 ? 13 A  B OP2   1 
ATOM 248 O "O5'" . A  B 2 5 ? -1.460  -0.922  8.396   1.00 0.00 ? 13 A  B "O5'" 1 
ATOM 249 C "C5'" . A  B 2 5 ? -1.108  0.171   9.223   1.00 0.00 ? 13 A  B "C5'" 1 
ATOM 250 C "C4'" . A  B 2 5 ? -1.050  1.458   8.392   1.00 0.00 ? 13 A  B "C4'" 1 
ATOM 251 O "O4'" . A  B 2 5 ? -0.214  1.309   7.255   1.00 0.00 ? 13 A  B "O4'" 1 
ATOM 252 C "C3'" . A  B 2 5 ? -2.410  1.891   7.849   1.00 0.00 ? 13 A  B "C3'" 1 
ATOM 253 O "O3'" . A  B 2 5 ? -3.194  2.532   8.844   1.00 0.00 ? 13 A  B "O3'" 1 
ATOM 254 C "C2'" . A  B 2 5 ? -1.954  2.840   6.746   1.00 0.00 ? 13 A  B "C2'" 1 
ATOM 255 O "O2'" . A  B 2 5 ? -1.602  4.100   7.281   1.00 0.00 ? 13 A  B "O2'" 1 
ATOM 256 C "C1'" . A  B 2 5 ? -0.697  2.149   6.215   1.00 0.00 ? 13 A  B "C1'" 1 
ATOM 257 N N9    . A  B 2 5 ? -1.019  1.360   5.002   1.00 0.00 ? 13 A  B N9    1 
ATOM 258 C C8    . A  B 2 5 ? -1.250  0.012   4.871   1.00 0.00 ? 13 A  B C8    1 
ATOM 259 N N7    . A  B 2 5 ? -1.455  -0.382  3.646   1.00 0.00 ? 13 A  B N7    1 
ATOM 260 C C5    . A  B 2 5 ? -1.378  0.791   2.907   1.00 0.00 ? 13 A  B C5    1 
ATOM 261 C C6    . A  B 2 5 ? -1.495  1.068   1.529   1.00 0.00 ? 13 A  B C6    1 
ATOM 262 N N6    . A  B 2 5 ? -1.701  0.112   0.618   1.00 0.00 ? 13 A  B N6    1 
ATOM 263 N N1    . A  B 2 5 ? -1.393  2.348   1.124   1.00 0.00 ? 13 A  B N1    1 
ATOM 264 C C2    . A  B 2 5 ? -1.179  3.300   2.031   1.00 0.00 ? 13 A  B C2    1 
ATOM 265 N N3    . A  B 2 5 ? -1.034  3.168   3.347   1.00 0.00 ? 13 A  B N3    1 
ATOM 266 C C4    . A  B 2 5 ? -1.142  1.865   3.728   1.00 0.00 ? 13 A  B C4    1 
ATOM 267 P P     . C  B 2 6 ? -4.796  2.717   8.697   1.00 0.00 ? 14 C  B P     1 
ATOM 268 O OP1   . C  B 2 6 ? -5.278  3.453   9.886   1.00 0.00 ? 14 C  B OP1   1 
ATOM 269 O OP2   . C  B 2 6 ? -5.376  1.395   8.374   1.00 0.00 ? 14 C  B OP2   1 
ATOM 270 O "O5'" . C  B 2 6 ? -4.990  3.665   7.407   1.00 0.00 ? 14 C  B "O5'" 1 
ATOM 271 C "C5'" . C  B 2 6 ? -4.827  5.069   7.460   1.00 0.00 ? 14 C  B "C5'" 1 
ATOM 272 C "C4'" . C  B 2 6 ? -4.907  5.648   6.042   1.00 0.00 ? 14 C  B "C4'" 1 
ATOM 273 O "O4'" . C  B 2 6 ? -3.959  5.027   5.188   1.00 0.00 ? 14 C  B "O4'" 1 
ATOM 274 C "C3'" . C  B 2 6 ? -6.258  5.446   5.356   1.00 0.00 ? 14 C  B "C3'" 1 
ATOM 275 O "O3'" . C  B 2 6 ? -7.241  6.363   5.805   1.00 0.00 ? 14 C  B "O3'" 1 
ATOM 276 C "C2'" . C  B 2 6 ? -5.839  5.684   3.908   1.00 0.00 ? 14 C  B "C2'" 1 
ATOM 277 O "O2'" . C  B 2 6 ? -5.697  7.066   3.649   1.00 0.00 ? 14 C  B "O2'" 1 
ATOM 278 C "C1'" . C  B 2 6 ? -4.461  5.018   3.859   1.00 0.00 ? 14 C  B "C1'" 1 
ATOM 279 N N1    . C  B 2 6 ? -4.574  3.635   3.307   1.00 0.00 ? 14 C  B N1    1 
ATOM 280 C C2    . C  B 2 6 ? -4.514  3.480   1.920   1.00 0.00 ? 14 C  B C2    1 
ATOM 281 O O2    . C  B 2 6 ? -4.393  4.452   1.177   1.00 0.00 ? 14 C  B O2    1 
ATOM 282 N N3    . C  B 2 6 ? -4.598  2.224   1.399   1.00 0.00 ? 14 C  B N3    1 
ATOM 283 C C4    . C  B 2 6 ? -4.766  1.151   2.183   1.00 0.00 ? 14 C  B C4    1 
ATOM 284 N N4    . C  B 2 6 ? -4.820  -0.059  1.618   1.00 0.00 ? 14 C  B N4    1 
ATOM 285 C C5    . C  B 2 6 ? -4.876  1.286   3.606   1.00 0.00 ? 14 C  B C5    1 
ATOM 286 C C6    . C  B 2 6 ? -4.779  2.538   4.112   1.00 0.00 ? 14 C  B C6    1 
ATOM 287 P P     . G  B 2 7 ? -8.816  6.143   5.502   1.00 0.00 ? 15 G  B P     1 
ATOM 288 O OP1   . G  B 2 7 ? -9.553  7.294   6.070   1.00 0.00 ? 15 G  B OP1   1 
ATOM 289 O OP2   . G  B 2 7 ? -9.174  4.771   5.922   1.00 0.00 ? 15 G  B OP2   1 
ATOM 290 O "O5'" . G  B 2 7 ? -8.942  6.212   3.893   1.00 0.00 ? 15 G  B "O5'" 1 
ATOM 291 C "C5'" . G  B 2 7 ? -8.978  7.441   3.191   1.00 0.00 ? 15 G  B "C5'" 1 
ATOM 292 C "C4'" . G  B 2 7 ? -9.064  7.172   1.686   1.00 0.00 ? 15 G  B "C4'" 1 
ATOM 293 O "O4'" . G  B 2 7 ? -8.001  6.351   1.239   1.00 0.00 ? 15 G  B "O4'" 1 
ATOM 294 C "C3'" . G  B 2 7 ? -10.342 6.437   1.291   1.00 0.00 ? 15 G  B "C3'" 1 
ATOM 295 O "O3'" . G  B 2 7 ? -11.446 7.327   1.250   1.00 0.00 ? 15 G  B "O3'" 1 
ATOM 296 C "C2'" . G  B 2 7 ? -9.937  5.910   -0.081  1.00 0.00 ? 15 G  B "C2'" 1 
ATOM 297 O "O2'" . G  B 2 7 ? -10.086 6.911   -1.066  1.00 0.00 ? 15 G  B "O2'" 1 
ATOM 298 C "C1'" . G  B 2 7 ? -8.447  5.604   0.117   1.00 0.00 ? 15 G  B "C1'" 1 
ATOM 299 N N9    . G  B 2 7 ? -8.234  4.157   0.351   1.00 0.00 ? 15 G  B N9    1 
ATOM 300 C C8    . G  B 2 7 ? -8.087  3.471   1.532   1.00 0.00 ? 15 G  B C8    1 
ATOM 301 N N7    . G  B 2 7 ? -7.818  2.205   1.385   1.00 0.00 ? 15 G  B N7    1 
ATOM 302 C C5    . G  B 2 7 ? -7.811  2.026   0.007   1.00 0.00 ? 15 G  B C5    1 
ATOM 303 C C6    . G  B 2 7 ? -7.594  0.847   -0.763  1.00 0.00 ? 15 G  B C6    1 
ATOM 304 O O6    . G  B 2 7 ? -7.299  -0.272  -0.354  1.00 0.00 ? 15 G  B O6    1 
ATOM 305 N N1    . G  B 2 7 ? -7.765  1.062   -2.129  1.00 0.00 ? 15 G  B N1    1 
ATOM 306 C C2    . G  B 2 7 ? -8.112  2.279   -2.689  1.00 0.00 ? 15 G  B C2    1 
ATOM 307 N N2    . G  B 2 7 ? -8.267  2.325   -4.015  1.00 0.00 ? 15 G  B N2    1 
ATOM 308 N N3    . G  B 2 7 ? -8.293  3.396   -1.966  1.00 0.00 ? 15 G  B N3    1 
ATOM 309 C C4    . G  B 2 7 ? -8.126  3.202   -0.631  1.00 0.00 ? 15 G  B C4    1 
ATOM 310 P P     . C  B 2 8 ? -12.970 6.814   1.387   1.00 0.00 ? 16 C  B P     1 
ATOM 311 O OP1   . C  B 2 8 ? -13.861 7.988   1.251   1.00 0.00 ? 16 C  B OP1   1 
ATOM 312 O OP2   . C  B 2 8 ? -13.060 5.966   2.597   1.00 0.00 ? 16 C  B OP2   1 
ATOM 313 O "O5'" . C  B 2 8 ? -13.187 5.863   0.105   1.00 0.00 ? 16 C  B "O5'" 1 
ATOM 314 C "C5'" . C  B 2 8 ? -13.505 6.374   -1.175  1.00 0.00 ? 16 C  B "C5'" 1 
ATOM 315 C "C4'" . C  B 2 8 ? -13.530 5.221   -2.181  1.00 0.00 ? 16 C  B "C4'" 1 
ATOM 316 O "O4'" . C  B 2 8 ? -12.265 4.584   -2.240  1.00 0.00 ? 16 C  B "O4'" 1 
ATOM 317 C "C3'" . C  B 2 8 ? -14.516 4.106   -1.829  1.00 0.00 ? 16 C  B "C3'" 1 
ATOM 318 O "O3'" . C  B 2 8 ? -15.857 4.410   -2.150  1.00 0.00 ? 16 C  B "O3'" 1 
ATOM 319 C "C2'" . C  B 2 8 ? -13.963 2.979   -2.692  1.00 0.00 ? 16 C  B "C2'" 1 
ATOM 320 O "O2'" . C  B 2 8 ? -14.387 3.143   -4.032  1.00 0.00 ? 16 C  B "O2'" 1 
ATOM 321 C "C1'" . C  B 2 8 ? -12.449 3.222   -2.600  1.00 0.00 ? 16 C  B "C1'" 1 
ATOM 322 N N1    . C  B 2 8 ? -11.832 2.310   -1.590  1.00 0.00 ? 16 C  B N1    1 
ATOM 323 C C2    . C  B 2 8 ? -11.293 1.101   -2.036  1.00 0.00 ? 16 C  B C2    1 
ATOM 324 O O2    . C  B 2 8 ? -11.304 0.801   -3.227  1.00 0.00 ? 16 C  B O2    1 
ATOM 325 N N3    . C  B 2 8 ? -10.752 0.248   -1.121  1.00 0.00 ? 16 C  B N3    1 
ATOM 326 C C4    . C  B 2 8 ? -10.741 0.545   0.187   1.00 0.00 ? 16 C  B C4    1 
ATOM 327 N N4    . C  B 2 8 ? -10.171 -0.312  1.039   1.00 0.00 ? 16 C  B N4    1 
ATOM 328 C C5    . C  B 2 8 ? -11.308 1.770   0.674   1.00 0.00 ? 16 C  B C5    1 
ATOM 329 C C6    . C  B 2 8 ? -11.839 2.608   -0.247  1.00 0.00 ? 16 C  B C6    1 
# 
